data_6MPR
#
_entry.id   6MPR
#
_cell.length_a   68.370
_cell.length_b   120.320
_cell.length_c   75.040
_cell.angle_alpha   90.000
_cell.angle_beta   112.770
_cell.angle_gamma   90.000
#
_symmetry.space_group_name_H-M   'P 1 21 1'
#
loop_
_entity.id
_entity.type
_entity.pdbx_description
1 polymer 'Malonate decarboxylase subunit alpha'
2 water water
#
_entity_poly.entity_id   1
_entity_poly.type   'polypeptide(L)'
_entity_poly.pdbx_seq_one_letter_code
;MAHHHHHHMEGSVQNKERLWTKRRHAKQLKLEMANQYTDGVVIPTQDIIKVLETLITPGDKVVLEGNNQKQADFLSRSLA
QTNPDILHDLHMIMPSVGRSEHLDLFEKGIARKLDFSFAGPQSLRISQLIEDGLLEIGAIHTYIELYSRLVVDLIPNVVL
SAGFMADRQGNIYTGPSTEDSPALIEPAAFSDGIVIVQVNELVDDVSELPRVDIPASWVDYVVVADQPFYIEPLFTRDPK
HIKPVHVLMAMMAIRGIYEKHNVQSLNHGIGFNTAAIELILPTYGESLGLKGKICRNWTLNPHPTLIPAIETGWVESVHC
FGTELGMEKYVAARPDVFFTGRDGALRSNRMMCQLAGQYAVDLFIGATLQVDGMGHSSTVTKGRLAGFGGAPNMGHDPRG
RRHDTPAWLDMRLQGANETETYLARGKKLVVQMVETFQEGGKPTFVDRLDAIDVAKTAGLPLAPIMIYGDDVTHLLTEEG
IAYLYKASSQEERQAMIAAVAGVTSIGLTQDPKTTARLRREGLVVFPEDLGIRRTDATRELLAAKNIADLVTWSDGLYQP
PAKFRSW
;
_entity_poly.pdbx_strand_id   A,B
#
# COMPACT_ATOMS: atom_id res chain seq x y z
N ARG A 18 -18.31 -19.58 -23.98
CA ARG A 18 -17.54 -18.70 -24.84
C ARG A 18 -17.91 -17.22 -24.62
N LEU A 19 -18.98 -16.98 -23.85
CA LEU A 19 -19.38 -15.62 -23.53
C LEU A 19 -18.48 -15.01 -22.47
N TRP A 20 -17.87 -15.84 -21.64
CA TRP A 20 -17.18 -15.36 -20.46
C TRP A 20 -15.76 -15.92 -20.36
N THR A 21 -15.28 -16.60 -21.40
CA THR A 21 -13.96 -17.22 -21.38
C THR A 21 -13.08 -16.67 -22.51
N LYS A 22 -13.31 -15.42 -22.91
CA LYS A 22 -12.58 -14.87 -24.05
C LYS A 22 -11.09 -14.75 -23.76
N ARG A 23 -10.72 -14.29 -22.56
CA ARG A 23 -9.31 -14.14 -22.23
C ARG A 23 -8.62 -15.51 -22.21
N ARG A 24 -9.27 -16.49 -21.58
CA ARG A 24 -8.72 -17.84 -21.52
C ARG A 24 -8.49 -18.41 -22.92
N HIS A 25 -9.47 -18.26 -23.81
CA HIS A 25 -9.34 -18.84 -25.14
CA HIS A 25 -9.31 -18.87 -25.12
C HIS A 25 -8.26 -18.14 -25.95
N ALA A 26 -8.19 -16.80 -25.84
CA ALA A 26 -7.18 -16.07 -26.60
C ALA A 26 -5.78 -16.46 -26.16
N LYS A 27 -5.56 -16.59 -24.85
CA LYS A 27 -4.24 -16.99 -24.37
C LYS A 27 -3.90 -18.40 -24.83
N GLN A 28 -4.90 -19.29 -24.86
CA GLN A 28 -4.60 -20.67 -25.21
CA GLN A 28 -4.61 -20.67 -25.22
C GLN A 28 -4.11 -20.77 -26.65
N LEU A 29 -4.66 -19.96 -27.56
CA LEU A 29 -4.25 -20.03 -28.96
C LEU A 29 -2.80 -19.59 -29.13
N LYS A 30 -2.40 -18.53 -28.42
CA LYS A 30 -1.04 -18.04 -28.49
C LYS A 30 -0.05 -19.07 -27.93
N LEU A 31 -0.36 -19.62 -26.75
CA LEU A 31 0.47 -20.68 -26.19
CA LEU A 31 0.49 -20.67 -26.19
C LEU A 31 0.61 -21.84 -27.16
N GLU A 32 -0.49 -22.23 -27.80
CA GLU A 32 -0.46 -23.37 -28.71
C GLU A 32 0.47 -23.08 -29.88
N MET A 33 0.42 -21.86 -30.42
CA MET A 33 1.29 -21.50 -31.54
CA MET A 33 1.28 -21.51 -31.54
C MET A 33 2.75 -21.39 -31.10
N ALA A 34 2.98 -20.80 -29.92
CA ALA A 34 4.36 -20.62 -29.46
C ALA A 34 5.00 -21.95 -29.08
N ASN A 35 4.21 -22.92 -28.63
CA ASN A 35 4.78 -24.16 -28.09
C ASN A 35 5.55 -24.95 -29.14
N GLN A 36 5.27 -24.73 -30.43
CA GLN A 36 6.06 -25.41 -31.46
C GLN A 36 7.53 -24.99 -31.41
N TYR A 37 7.85 -23.85 -30.80
CA TYR A 37 9.21 -23.36 -30.73
C TYR A 37 9.89 -23.64 -29.39
N THR A 38 9.15 -24.09 -28.40
CA THR A 38 9.70 -24.27 -27.06
C THR A 38 9.82 -25.74 -26.71
N ASP A 39 10.59 -25.99 -25.65
CA ASP A 39 10.64 -27.28 -25.01
C ASP A 39 9.85 -27.15 -23.71
N GLY A 40 8.52 -27.29 -23.85
CA GLY A 40 7.63 -27.04 -22.74
C GLY A 40 7.64 -25.58 -22.36
N VAL A 41 7.97 -25.31 -21.09
CA VAL A 41 8.05 -23.95 -20.59
C VAL A 41 9.29 -23.22 -21.11
N VAL A 42 10.32 -23.94 -21.54
CA VAL A 42 11.63 -23.35 -21.81
C VAL A 42 11.71 -22.90 -23.26
N ILE A 43 11.86 -21.60 -23.46
CA ILE A 43 12.15 -21.03 -24.78
C ILE A 43 13.64 -21.13 -25.03
N PRO A 44 14.09 -21.71 -26.14
CA PRO A 44 15.51 -21.65 -26.49
C PRO A 44 15.95 -20.21 -26.63
N THR A 45 17.12 -19.89 -26.08
CA THR A 45 17.60 -18.51 -26.06
C THR A 45 17.60 -17.91 -27.45
N GLN A 46 17.99 -18.69 -28.44
CA GLN A 46 18.11 -18.21 -29.81
CA GLN A 46 18.11 -18.19 -29.81
C GLN A 46 16.76 -17.87 -30.43
N ASP A 47 15.65 -18.35 -29.86
CA ASP A 47 14.34 -18.21 -30.48
C ASP A 47 13.45 -17.17 -29.82
N ILE A 48 14.01 -16.30 -29.00
CA ILE A 48 13.21 -15.41 -28.18
C ILE A 48 12.44 -14.40 -29.02
N ILE A 49 13.03 -13.89 -30.10
CA ILE A 49 12.36 -12.83 -30.87
C ILE A 49 11.12 -13.37 -31.56
N LYS A 50 11.24 -14.54 -32.19
CA LYS A 50 10.08 -15.15 -32.83
C LYS A 50 9.00 -15.46 -31.81
N VAL A 51 9.40 -15.89 -30.62
CA VAL A 51 8.39 -16.23 -29.62
C VAL A 51 7.71 -14.97 -29.09
N LEU A 52 8.47 -13.87 -28.88
CA LEU A 52 7.83 -12.60 -28.51
C LEU A 52 6.81 -12.15 -29.55
N GLU A 53 7.16 -12.26 -30.84
CA GLU A 53 6.25 -11.92 -31.92
C GLU A 53 5.03 -12.83 -31.99
N THR A 54 5.06 -13.97 -31.32
CA THR A 54 3.96 -14.92 -31.30
C THR A 54 3.07 -14.70 -30.09
N LEU A 55 3.65 -14.38 -28.93
CA LEU A 55 2.91 -14.27 -27.69
C LEU A 55 2.35 -12.87 -27.45
N ILE A 56 2.95 -11.85 -28.02
CA ILE A 56 2.52 -10.46 -27.84
C ILE A 56 1.70 -10.06 -29.05
N THR A 57 0.67 -9.25 -28.82
CA THR A 57 -0.20 -8.77 -29.89
CA THR A 57 -0.27 -8.78 -29.83
C THR A 57 -0.26 -7.26 -29.84
N PRO A 58 -0.43 -6.62 -31.00
CA PRO A 58 -0.46 -5.15 -31.02
C PRO A 58 -1.53 -4.62 -30.05
N GLY A 59 -1.21 -3.50 -29.40
CA GLY A 59 -2.10 -2.92 -28.41
C GLY A 59 -2.01 -3.53 -27.03
N ASP A 60 -1.25 -4.61 -26.85
CA ASP A 60 -1.13 -5.24 -25.54
C ASP A 60 -0.56 -4.26 -24.52
N LYS A 61 -1.09 -4.33 -23.29
CA LYS A 61 -0.40 -3.77 -22.13
C LYS A 61 0.72 -4.73 -21.73
N VAL A 62 1.97 -4.26 -21.78
CA VAL A 62 3.13 -5.11 -21.56
C VAL A 62 3.89 -4.50 -20.39
N VAL A 63 3.91 -5.21 -19.27
CA VAL A 63 4.79 -4.85 -18.17
C VAL A 63 6.20 -5.35 -18.49
N LEU A 64 7.19 -4.47 -18.38
CA LEU A 64 8.57 -4.81 -18.69
C LEU A 64 9.42 -4.34 -17.52
N GLU A 65 10.18 -5.26 -16.93
CA GLU A 65 11.10 -4.91 -15.85
C GLU A 65 12.41 -4.40 -16.43
N GLY A 66 12.79 -3.18 -16.09
CA GLY A 66 11.87 -2.20 -15.53
C GLY A 66 11.68 -2.07 -14.02
N ASN A 67 12.36 -2.90 -13.23
CA ASN A 67 12.35 -2.55 -11.82
CA ASN A 67 12.44 -2.63 -11.79
C ASN A 67 13.36 -1.44 -11.55
N ASN A 68 13.36 -0.92 -10.33
CA ASN A 68 14.28 0.15 -10.00
CA ASN A 68 14.29 0.15 -10.05
C ASN A 68 15.73 -0.29 -10.23
N GLN A 69 16.06 -1.52 -9.86
CA GLN A 69 17.42 -2.04 -9.98
C GLN A 69 17.50 -3.15 -11.02
N LYS A 70 16.90 -4.31 -10.76
CA LYS A 70 16.98 -5.44 -11.69
C LYS A 70 16.30 -5.11 -13.02
N GLN A 71 16.98 -5.40 -14.13
CA GLN A 71 16.46 -5.18 -15.48
C GLN A 71 16.41 -6.51 -16.21
N ALA A 72 15.24 -6.82 -16.78
CA ALA A 72 15.13 -7.96 -17.69
C ALA A 72 15.68 -7.53 -19.05
N ASP A 73 16.99 -7.30 -19.09
CA ASP A 73 17.54 -6.61 -20.25
C ASP A 73 17.65 -7.49 -21.48
N PHE A 74 17.74 -8.81 -21.30
CA PHE A 74 17.65 -9.70 -22.46
C PHE A 74 16.28 -9.59 -23.11
N LEU A 75 15.21 -9.58 -22.30
CA LEU A 75 13.88 -9.45 -22.87
C LEU A 75 13.64 -8.08 -23.48
N SER A 76 14.13 -7.02 -22.83
CA SER A 76 13.92 -5.68 -23.39
C SER A 76 14.75 -5.49 -24.67
N ARG A 77 16.01 -5.95 -24.70
CA ARG A 77 16.78 -5.86 -25.93
C ARG A 77 16.14 -6.67 -27.04
N SER A 78 15.58 -7.84 -26.69
CA SER A 78 14.94 -8.68 -27.69
C SER A 78 13.66 -8.04 -28.20
N LEU A 79 12.83 -7.51 -27.29
CA LEU A 79 11.60 -6.86 -27.72
C LEU A 79 11.88 -5.72 -28.70
N ALA A 80 12.95 -4.96 -28.46
CA ALA A 80 13.32 -3.87 -29.37
C ALA A 80 13.82 -4.36 -30.73
N GLN A 81 14.06 -5.67 -30.89
CA GLN A 81 14.46 -6.24 -32.18
C GLN A 81 13.31 -6.92 -32.91
N THR A 82 12.10 -6.90 -32.37
CA THR A 82 10.97 -7.49 -33.07
C THR A 82 10.54 -6.62 -34.24
N ASN A 83 9.76 -7.23 -35.12
CA ASN A 83 9.28 -6.59 -36.35
C ASN A 83 8.14 -5.64 -36.01
N PRO A 84 8.28 -4.34 -36.24
CA PRO A 84 7.18 -3.42 -35.89
C PRO A 84 5.93 -3.59 -36.75
N ASP A 85 6.01 -4.28 -37.90
CA ASP A 85 4.79 -4.64 -38.64
C ASP A 85 3.98 -5.70 -37.91
N ILE A 86 4.61 -6.42 -37.00
CA ILE A 86 3.92 -7.40 -36.16
C ILE A 86 3.58 -6.83 -34.79
N LEU A 87 4.57 -6.26 -34.09
CA LEU A 87 4.36 -5.69 -32.76
C LEU A 87 4.41 -4.17 -32.86
N HIS A 88 3.26 -3.52 -32.71
CA HIS A 88 3.14 -2.07 -32.73
C HIS A 88 2.08 -1.67 -31.72
N ASP A 89 2.08 -0.39 -31.35
CA ASP A 89 1.09 0.18 -30.44
C ASP A 89 1.08 -0.55 -29.09
N LEU A 90 2.23 -1.07 -28.71
CA LEU A 90 2.36 -1.64 -27.36
C LEU A 90 2.17 -0.55 -26.32
N HIS A 91 1.46 -0.88 -25.26
CA HIS A 91 1.25 0.03 -24.14
C HIS A 91 2.19 -0.47 -23.05
N MET A 92 3.31 0.22 -22.88
CA MET A 92 4.31 -0.24 -21.92
C MET A 92 3.94 0.23 -20.53
N ILE A 93 4.12 -0.66 -19.56
CA ILE A 93 3.89 -0.38 -18.15
C ILE A 93 5.19 -0.70 -17.44
N MET A 94 5.89 0.34 -16.96
CA MET A 94 7.22 0.12 -16.45
C MET A 94 7.45 0.87 -15.15
N PRO A 95 7.76 0.17 -14.05
CA PRO A 95 8.07 0.90 -12.82
C PRO A 95 9.22 1.86 -12.99
N SER A 96 10.24 1.47 -13.73
CA SER A 96 11.44 2.29 -13.93
C SER A 96 11.86 2.22 -15.39
N VAL A 97 12.07 3.37 -16.03
CA VAL A 97 12.48 3.45 -17.43
C VAL A 97 13.91 4.00 -17.44
N GLY A 98 14.89 3.12 -17.64
CA GLY A 98 16.27 3.54 -17.68
C GLY A 98 17.09 3.02 -18.85
N ARG A 99 16.92 1.75 -19.21
CA ARG A 99 17.68 1.17 -20.31
C ARG A 99 17.42 1.94 -21.61
N SER A 100 18.45 2.07 -22.44
CA SER A 100 18.29 2.75 -23.72
C SER A 100 17.26 2.06 -24.61
N GLU A 101 17.25 0.73 -24.63
CA GLU A 101 16.29 0.04 -25.50
C GLU A 101 14.84 0.25 -25.03
N HIS A 102 14.61 0.65 -23.78
CA HIS A 102 13.25 0.97 -23.36
C HIS A 102 12.68 2.09 -24.22
N LEU A 103 13.45 3.15 -24.39
CA LEU A 103 12.97 4.27 -25.20
C LEU A 103 13.10 3.97 -26.69
N ASP A 104 14.03 3.08 -27.08
CA ASP A 104 14.10 2.66 -28.48
C ASP A 104 12.79 2.05 -28.96
N LEU A 105 12.02 1.42 -28.05
CA LEU A 105 10.72 0.86 -28.44
C LEU A 105 9.81 1.91 -29.05
N PHE A 106 9.84 3.13 -28.51
CA PHE A 106 8.98 4.18 -29.02
C PHE A 106 9.53 4.78 -30.29
N GLU A 107 10.83 5.04 -30.33
CA GLU A 107 11.46 5.51 -31.57
C GLU A 107 11.18 4.54 -32.72
N LYS A 108 11.21 3.24 -32.45
CA LYS A 108 11.09 2.24 -33.51
C LYS A 108 9.64 1.95 -33.89
N GLY A 109 8.66 2.53 -33.21
CA GLY A 109 7.27 2.26 -33.55
C GLY A 109 6.72 0.98 -32.99
N ILE A 110 7.43 0.36 -32.04
CA ILE A 110 6.93 -0.85 -31.40
C ILE A 110 5.96 -0.50 -30.28
N ALA A 111 6.32 0.47 -29.45
CA ALA A 111 5.51 0.96 -28.36
C ALA A 111 4.98 2.35 -28.68
N ARG A 112 3.80 2.69 -28.14
CA ARG A 112 3.25 4.03 -28.32
C ARG A 112 2.91 4.68 -26.98
N LYS A 113 2.27 3.94 -26.09
CA LYS A 113 1.83 4.47 -24.79
C LYS A 113 2.77 4.04 -23.68
N LEU A 114 2.91 4.89 -22.67
CA LEU A 114 3.78 4.60 -21.54
C LEU A 114 3.12 5.03 -20.24
N ASP A 115 3.02 4.11 -19.29
CA ASP A 115 2.72 4.41 -17.90
C ASP A 115 3.90 3.95 -17.07
N PHE A 116 4.43 4.86 -16.23
CA PHE A 116 5.67 4.55 -15.52
C PHE A 116 5.71 5.26 -14.19
N SER A 117 6.73 4.93 -13.39
CA SER A 117 6.96 5.58 -12.11
C SER A 117 8.29 6.33 -12.02
N PHE A 118 9.40 5.73 -12.43
CA PHE A 118 10.68 6.42 -12.30
C PHE A 118 11.36 6.59 -13.65
N ALA A 119 12.00 7.75 -13.84
CA ALA A 119 12.96 7.97 -14.91
C ALA A 119 14.01 8.95 -14.41
N GLY A 120 15.18 8.89 -15.04
CA GLY A 120 16.31 9.69 -14.64
C GLY A 120 16.06 11.18 -14.81
N PRO A 121 16.55 11.98 -13.87
CA PRO A 121 16.26 13.42 -13.87
C PRO A 121 17.00 14.24 -14.91
N GLN A 122 18.05 13.70 -15.54
CA GLN A 122 18.84 14.49 -16.47
C GLN A 122 18.53 14.20 -17.94
N SER A 123 17.74 13.16 -18.21
CA SER A 123 17.51 12.74 -19.59
C SER A 123 16.43 13.58 -20.26
N LEU A 124 16.70 14.01 -21.49
CA LEU A 124 15.74 14.74 -22.30
C LEU A 124 14.95 13.83 -23.24
N ARG A 125 15.23 12.52 -23.21
CA ARG A 125 14.73 11.63 -24.25
C ARG A 125 13.21 11.49 -24.21
N ILE A 126 12.60 11.31 -23.04
CA ILE A 126 11.16 11.14 -22.97
C ILE A 126 10.45 12.40 -23.47
N SER A 127 10.90 13.58 -23.00
CA SER A 127 10.35 14.84 -23.49
C SER A 127 10.49 14.95 -25.00
N GLN A 128 11.63 14.52 -25.55
CA GLN A 128 11.84 14.65 -26.99
C GLN A 128 10.93 13.68 -27.75
N LEU A 129 10.73 12.47 -27.22
CA LEU A 129 9.84 11.53 -27.90
C LEU A 129 8.39 12.01 -27.86
N ILE A 130 7.99 12.64 -26.76
CA ILE A 130 6.65 13.25 -26.70
C ILE A 130 6.53 14.36 -27.74
N GLU A 131 7.52 15.27 -27.78
CA GLU A 131 7.48 16.35 -28.76
C GLU A 131 7.44 15.82 -30.18
N ASP A 132 8.07 14.69 -30.44
CA ASP A 132 8.09 14.10 -31.78
C ASP A 132 6.89 13.21 -32.04
N GLY A 133 5.96 13.08 -31.09
CA GLY A 133 4.76 12.31 -31.32
C GLY A 133 4.91 10.81 -31.27
N LEU A 134 6.04 10.30 -30.76
CA LEU A 134 6.29 8.87 -30.73
C LEU A 134 5.99 8.24 -29.37
N LEU A 135 5.75 9.04 -28.35
CA LEU A 135 5.50 8.55 -27.00
C LEU A 135 4.31 9.30 -26.43
N GLU A 136 3.31 8.57 -25.98
CA GLU A 136 2.10 9.15 -25.38
C GLU A 136 2.09 8.76 -23.90
N ILE A 137 2.28 9.74 -23.02
CA ILE A 137 2.26 9.48 -21.58
C ILE A 137 0.84 9.23 -21.13
N GLY A 138 0.64 8.15 -20.38
CA GLY A 138 -0.57 8.00 -19.59
C GLY A 138 -0.48 8.86 -18.36
N ALA A 139 0.31 8.41 -17.37
CA ALA A 139 0.57 9.21 -16.19
C ALA A 139 1.87 8.74 -15.57
N ILE A 140 2.45 9.61 -14.76
CA ILE A 140 3.58 9.26 -13.91
C ILE A 140 3.05 8.92 -12.52
N HIS A 141 3.52 7.80 -11.97
CA HIS A 141 3.00 7.21 -10.75
C HIS A 141 4.09 7.12 -9.69
N THR A 142 3.68 6.89 -8.44
CA THR A 142 4.63 6.30 -7.50
C THR A 142 4.51 4.76 -7.61
N TYR A 143 5.56 4.05 -7.20
CA TYR A 143 5.66 2.61 -7.52
C TYR A 143 4.41 1.83 -7.16
N ILE A 144 4.01 1.84 -5.88
CA ILE A 144 2.93 0.95 -5.51
C ILE A 144 1.58 1.46 -6.02
N GLU A 145 1.47 2.74 -6.37
CA GLU A 145 0.30 3.21 -7.12
C GLU A 145 0.23 2.53 -8.49
N LEU A 146 1.36 2.45 -9.18
CA LEU A 146 1.36 1.77 -10.49
C LEU A 146 1.02 0.29 -10.32
N TYR A 147 1.60 -0.38 -9.32
CA TYR A 147 1.26 -1.80 -9.11
C TYR A 147 -0.24 -1.96 -8.90
N SER A 148 -0.86 -1.02 -8.18
CA SER A 148 -2.26 -1.16 -7.81
CA SER A 148 -2.27 -1.14 -7.82
C SER A 148 -3.17 -1.07 -9.03
N ARG A 149 -2.77 -0.34 -10.06
CA ARG A 149 -3.60 -0.22 -11.25
C ARG A 149 -3.64 -1.50 -12.05
N LEU A 150 -2.70 -2.43 -11.81
CA LEU A 150 -2.66 -3.70 -12.52
C LEU A 150 -3.84 -4.61 -12.23
N VAL A 151 -4.65 -4.34 -11.20
CA VAL A 151 -5.87 -5.12 -10.97
C VAL A 151 -7.13 -4.30 -11.19
N VAL A 152 -6.99 -3.09 -11.76
CA VAL A 152 -8.15 -2.22 -11.94
C VAL A 152 -8.26 -1.80 -13.40
N ASP A 153 -7.47 -0.81 -13.83
CA ASP A 153 -7.60 -0.28 -15.18
C ASP A 153 -6.34 -0.40 -16.04
N LEU A 154 -5.28 -1.03 -15.53
CA LEU A 154 -4.09 -1.35 -16.31
C LEU A 154 -3.79 -2.83 -16.20
N ILE A 155 -4.81 -3.68 -16.38
CA ILE A 155 -4.61 -5.11 -16.18
C ILE A 155 -3.68 -5.60 -17.28
N PRO A 156 -2.54 -6.21 -16.96
CA PRO A 156 -1.52 -6.45 -17.97
C PRO A 156 -1.81 -7.67 -18.81
N ASN A 157 -1.55 -7.55 -20.11
CA ASN A 157 -1.67 -8.68 -21.03
C ASN A 157 -0.42 -9.55 -21.07
N VAL A 158 0.74 -8.95 -20.84
CA VAL A 158 2.03 -9.60 -20.92
C VAL A 158 2.91 -9.03 -19.80
N VAL A 159 3.64 -9.90 -19.13
CA VAL A 159 4.65 -9.46 -18.16
C VAL A 159 5.99 -10.09 -18.54
N LEU A 160 7.01 -9.24 -18.66
CA LEU A 160 8.38 -9.62 -19.01
C LEU A 160 9.27 -9.33 -17.80
N SER A 161 9.72 -10.39 -17.14
CA SER A 161 10.38 -10.27 -15.85
CA SER A 161 10.36 -10.29 -15.84
C SER A 161 11.69 -11.03 -15.85
N ALA A 162 12.46 -10.89 -14.77
CA ALA A 162 13.76 -11.54 -14.66
C ALA A 162 13.95 -12.20 -13.29
N GLY A 163 14.72 -13.29 -13.29
CA GLY A 163 15.10 -13.96 -12.05
C GLY A 163 16.47 -14.60 -12.17
N PHE A 164 16.94 -15.16 -11.05
CA PHE A 164 18.24 -15.83 -11.04
C PHE A 164 18.16 -17.20 -11.68
N MET A 165 17.14 -17.98 -11.32
CA MET A 165 17.12 -19.39 -11.68
C MET A 165 15.68 -19.84 -11.88
N ALA A 166 15.49 -20.74 -12.85
CA ALA A 166 14.21 -21.42 -13.03
C ALA A 166 14.47 -22.91 -13.17
N ASP A 167 13.48 -23.70 -12.74
CA ASP A 167 13.47 -25.11 -13.09
C ASP A 167 12.65 -25.26 -14.38
N ARG A 168 12.46 -26.49 -14.83
CA ARG A 168 11.78 -26.70 -16.11
C ARG A 168 10.26 -26.66 -16.00
N GLN A 169 9.73 -26.46 -14.80
CA GLN A 169 8.31 -26.21 -14.63
C GLN A 169 7.97 -24.73 -14.65
N GLY A 170 8.96 -23.85 -14.49
CA GLY A 170 8.72 -22.42 -14.40
C GLY A 170 8.70 -21.85 -12.99
N ASN A 171 9.03 -22.64 -11.98
CA ASN A 171 9.33 -22.06 -10.67
C ASN A 171 10.54 -21.13 -10.76
N ILE A 172 10.46 -19.95 -10.15
CA ILE A 172 11.50 -18.95 -10.27
C ILE A 172 12.11 -18.66 -8.91
N TYR A 173 13.42 -18.60 -8.87
CA TYR A 173 14.15 -18.04 -7.74
C TYR A 173 14.59 -16.62 -8.11
N THR A 174 14.08 -15.62 -7.38
CA THR A 174 14.47 -14.23 -7.59
C THR A 174 15.37 -13.67 -6.48
N GLY A 175 15.34 -14.27 -5.28
CA GLY A 175 16.36 -14.02 -4.27
C GLY A 175 16.44 -12.59 -3.77
N PRO A 176 17.66 -12.11 -3.55
CA PRO A 176 17.82 -10.72 -3.08
C PRO A 176 17.21 -9.69 -4.02
N SER A 177 17.07 -10.01 -5.31
CA SER A 177 16.53 -9.05 -6.27
C SER A 177 15.08 -9.34 -6.63
N THR A 178 14.32 -9.90 -5.69
CA THR A 178 12.89 -10.12 -5.89
C THR A 178 12.19 -8.82 -6.28
N GLU A 179 12.46 -7.72 -5.55
CA GLU A 179 11.97 -6.40 -5.91
C GLU A 179 10.48 -6.36 -6.25
N ASP A 180 10.13 -5.88 -7.45
CA ASP A 180 8.74 -5.71 -7.87
C ASP A 180 8.11 -6.99 -8.40
N SER A 181 8.89 -8.03 -8.67
CA SER A 181 8.39 -9.12 -9.52
C SER A 181 7.09 -9.74 -9.02
N PRO A 182 6.92 -10.07 -7.74
CA PRO A 182 5.65 -10.70 -7.33
C PRO A 182 4.44 -9.80 -7.55
N ALA A 183 4.61 -8.49 -7.38
CA ALA A 183 3.49 -7.57 -7.56
C ALA A 183 3.14 -7.40 -9.02
N LEU A 184 4.13 -7.51 -9.92
CA LEU A 184 3.88 -7.35 -11.35
C LEU A 184 3.31 -8.64 -11.96
N ILE A 185 3.76 -9.80 -11.49
CA ILE A 185 3.37 -11.05 -12.14
C ILE A 185 1.97 -11.48 -11.74
N GLU A 186 1.63 -11.39 -10.44
CA GLU A 186 0.34 -11.92 -10.00
C GLU A 186 -0.85 -11.40 -10.79
N PRO A 187 -0.97 -10.10 -11.09
CA PRO A 187 -2.15 -9.65 -11.85
C PRO A 187 -2.31 -10.33 -13.20
N ALA A 188 -1.20 -10.60 -13.90
CA ALA A 188 -1.26 -11.30 -15.18
C ALA A 188 -1.52 -12.79 -15.01
N ALA A 189 -0.88 -13.39 -14.02
CA ALA A 189 -1.00 -14.82 -13.81
C ALA A 189 -2.44 -15.22 -13.52
N PHE A 190 -3.25 -14.30 -12.97
CA PHE A 190 -4.62 -14.63 -12.63
C PHE A 190 -5.63 -13.88 -13.49
N SER A 191 -5.24 -13.46 -14.68
CA SER A 191 -6.20 -12.89 -15.62
C SER A 191 -5.96 -13.40 -17.03
N ASP A 192 -5.28 -14.56 -17.17
CA ASP A 192 -4.90 -15.08 -18.47
C ASP A 192 -4.05 -14.11 -19.26
N GLY A 193 -3.19 -13.34 -18.55
CA GLY A 193 -2.06 -12.70 -19.16
C GLY A 193 -0.97 -13.73 -19.42
N ILE A 194 0.10 -13.29 -20.09
CA ILE A 194 1.21 -14.18 -20.43
C ILE A 194 2.47 -13.68 -19.72
N VAL A 195 3.10 -14.57 -18.95
CA VAL A 195 4.23 -14.21 -18.09
C VAL A 195 5.46 -14.93 -18.63
N ILE A 196 6.47 -14.16 -19.01
CA ILE A 196 7.73 -14.70 -19.51
C ILE A 196 8.84 -14.20 -18.59
N VAL A 197 9.64 -15.12 -18.07
CA VAL A 197 10.72 -14.79 -17.13
C VAL A 197 12.06 -15.19 -17.74
N GLN A 198 12.94 -14.23 -17.94
CA GLN A 198 14.32 -14.58 -18.25
C GLN A 198 15.06 -14.95 -16.97
N VAL A 199 15.90 -15.99 -17.04
CA VAL A 199 16.68 -16.41 -15.88
C VAL A 199 18.15 -16.52 -16.25
N ASN A 200 19.01 -16.32 -15.24
CA ASN A 200 20.45 -16.47 -15.45
C ASN A 200 20.84 -17.91 -15.69
N GLU A 201 20.14 -18.85 -15.02
CA GLU A 201 20.45 -20.27 -15.05
C GLU A 201 19.18 -21.10 -15.09
N LEU A 202 19.22 -22.22 -15.81
CA LEU A 202 18.14 -23.20 -15.82
C LEU A 202 18.60 -24.48 -15.12
N VAL A 203 17.78 -24.98 -14.20
CA VAL A 203 17.99 -26.29 -13.58
C VAL A 203 16.81 -27.21 -13.95
N ASP A 204 16.97 -28.50 -13.66
CA ASP A 204 15.93 -29.45 -14.03
C ASP A 204 14.80 -29.50 -13.01
N ASP A 205 15.11 -29.50 -11.71
CA ASP A 205 14.12 -29.83 -10.71
C ASP A 205 14.02 -28.72 -9.68
N VAL A 206 12.82 -28.59 -9.09
CA VAL A 206 12.55 -27.52 -8.14
C VAL A 206 13.47 -27.62 -6.92
N SER A 207 13.90 -28.82 -6.57
CA SER A 207 14.77 -29.05 -5.43
C SER A 207 16.15 -28.43 -5.59
N GLU A 208 16.55 -28.01 -6.81
CA GLU A 208 17.84 -27.32 -6.89
C GLU A 208 17.72 -25.82 -6.64
N LEU A 209 16.51 -25.26 -6.71
CA LEU A 209 16.38 -23.82 -6.48
C LEU A 209 16.63 -23.53 -5.00
N PRO A 210 17.32 -22.43 -4.70
CA PRO A 210 17.46 -22.04 -3.29
C PRO A 210 16.12 -21.91 -2.59
N ARG A 211 15.14 -21.29 -3.26
CA ARG A 211 13.75 -21.31 -2.84
C ARG A 211 12.91 -20.95 -4.07
N VAL A 212 11.60 -21.12 -3.93
CA VAL A 212 10.65 -20.70 -4.95
C VAL A 212 10.09 -19.35 -4.53
N ASP A 213 10.38 -18.31 -5.31
CA ASP A 213 9.82 -16.99 -5.09
C ASP A 213 8.59 -16.72 -5.95
N ILE A 214 8.54 -17.30 -7.15
CA ILE A 214 7.39 -17.20 -8.03
C ILE A 214 7.02 -18.63 -8.39
N PRO A 215 5.83 -19.10 -8.02
CA PRO A 215 5.44 -20.48 -8.34
C PRO A 215 5.25 -20.71 -9.84
N ALA A 216 5.51 -21.95 -10.24
CA ALA A 216 5.40 -22.38 -11.63
C ALA A 216 4.03 -22.03 -12.23
N SER A 217 2.97 -22.13 -11.44
CA SER A 217 1.67 -21.89 -12.04
C SER A 217 1.44 -20.42 -12.40
N TRP A 218 2.29 -19.50 -11.91
CA TRP A 218 2.18 -18.10 -12.33
C TRP A 218 2.92 -17.80 -13.62
N VAL A 219 3.74 -18.73 -14.13
CA VAL A 219 4.69 -18.47 -15.19
C VAL A 219 4.27 -19.27 -16.42
N ASP A 220 4.27 -18.62 -17.59
CA ASP A 220 4.00 -19.39 -18.80
C ASP A 220 5.28 -19.87 -19.50
N TYR A 221 6.32 -19.05 -19.53
CA TYR A 221 7.56 -19.45 -20.17
C TYR A 221 8.76 -18.89 -19.43
N VAL A 222 9.88 -19.61 -19.52
CA VAL A 222 11.17 -19.12 -19.07
C VAL A 222 12.15 -19.17 -20.25
N VAL A 223 13.17 -18.33 -20.19
CA VAL A 223 14.23 -18.31 -21.19
C VAL A 223 15.53 -18.00 -20.47
N VAL A 224 16.59 -18.75 -20.79
CA VAL A 224 17.92 -18.45 -20.26
C VAL A 224 18.45 -17.22 -20.98
N ALA A 225 18.81 -16.18 -20.22
CA ALA A 225 19.27 -14.95 -20.84
C ALA A 225 20.65 -15.17 -21.49
N ASP A 226 20.95 -14.33 -22.50
CA ASP A 226 22.26 -14.43 -23.14
C ASP A 226 23.37 -14.08 -22.17
N GLN A 227 23.04 -13.33 -21.13
CA GLN A 227 23.99 -12.95 -20.10
C GLN A 227 23.20 -12.56 -18.86
N PRO A 228 23.81 -12.59 -17.68
CA PRO A 228 23.04 -12.37 -16.44
C PRO A 228 22.31 -11.03 -16.47
N PHE A 229 21.14 -11.00 -15.83
CA PHE A 229 20.34 -9.78 -15.86
C PHE A 229 21.12 -8.58 -15.36
N TYR A 230 20.89 -7.45 -16.02
CA TYR A 230 21.59 -6.21 -15.73
C TYR A 230 21.12 -5.60 -14.41
N ILE A 231 22.08 -5.12 -13.63
CA ILE A 231 21.77 -4.37 -12.41
C ILE A 231 23.00 -3.58 -12.00
N GLU A 232 22.79 -2.28 -11.61
CA GLU A 232 23.78 -1.31 -11.16
C GLU A 232 23.74 -1.13 -9.66
N PRO A 233 24.86 -0.70 -9.03
CA PRO A 233 24.80 -0.33 -7.62
C PRO A 233 24.22 1.06 -7.43
N LEU A 234 22.91 1.14 -7.22
CA LEU A 234 22.23 2.42 -7.12
C LEU A 234 22.03 2.88 -5.68
N PHE A 235 22.41 2.07 -4.69
CA PHE A 235 22.13 2.38 -3.28
C PHE A 235 23.41 2.45 -2.46
N THR A 236 24.50 2.80 -3.14
CA THR A 236 25.82 2.96 -2.53
C THR A 236 26.28 4.39 -2.73
N ARG A 237 26.64 5.05 -1.65
CA ARG A 237 27.29 6.35 -1.72
C ARG A 237 28.70 6.22 -1.16
N ASP A 238 29.68 6.64 -1.93
CA ASP A 238 31.08 6.58 -1.51
C ASP A 238 31.33 7.56 -0.38
N PRO A 239 31.65 7.11 0.83
CA PRO A 239 31.92 8.05 1.93
C PRO A 239 32.99 9.09 1.62
N LYS A 240 33.92 8.81 0.68
CA LYS A 240 34.98 9.77 0.43
C LYS A 240 34.46 11.09 -0.13
N HIS A 241 33.26 11.08 -0.74
CA HIS A 241 32.65 12.26 -1.34
C HIS A 241 31.73 13.01 -0.39
N ILE A 242 31.55 12.52 0.85
CA ILE A 242 30.77 13.27 1.82
C ILE A 242 31.58 14.48 2.29
N LYS A 243 30.92 15.64 2.34
CA LYS A 243 31.58 16.89 2.67
C LYS A 243 31.13 17.42 4.04
N PRO A 244 31.88 18.38 4.62
CA PRO A 244 31.43 18.97 5.89
C PRO A 244 29.99 19.46 5.90
N VAL A 245 29.50 20.06 4.81
CA VAL A 245 28.12 20.53 4.77
C VAL A 245 27.14 19.37 4.96
N HIS A 246 27.45 18.20 4.38
CA HIS A 246 26.58 17.04 4.58
C HIS A 246 26.56 16.61 6.03
N VAL A 247 27.74 16.64 6.68
CA VAL A 247 27.84 16.28 8.09
C VAL A 247 27.06 17.27 8.97
N LEU A 248 27.18 18.56 8.68
CA LEU A 248 26.44 19.58 9.44
C LEU A 248 24.94 19.33 9.36
N MET A 249 24.43 19.10 8.15
CA MET A 249 23.00 18.86 7.98
C MET A 249 22.59 17.56 8.67
N ALA A 250 23.46 16.54 8.62
CA ALA A 250 23.18 15.28 9.29
C ALA A 250 23.12 15.45 10.81
N MET A 251 24.01 16.28 11.37
CA MET A 251 23.94 16.56 12.80
C MET A 251 22.62 17.21 13.18
N MET A 252 22.18 18.20 12.39
CA MET A 252 20.91 18.87 12.67
C MET A 252 19.72 17.92 12.51
N ALA A 253 19.75 17.03 11.52
CA ALA A 253 18.71 16.02 11.40
C ALA A 253 18.61 15.15 12.65
N ILE A 254 19.75 14.72 13.19
CA ILE A 254 19.74 13.80 14.32
C ILE A 254 19.26 14.49 15.58
N ARG A 255 19.82 15.66 15.85
CA ARG A 255 19.50 16.41 17.06
C ARG A 255 18.15 17.10 16.95
N GLY A 256 17.92 17.80 15.83
CA GLY A 256 16.73 18.62 15.68
C GLY A 256 15.49 17.93 15.17
N ILE A 257 15.60 16.69 14.69
CA ILE A 257 14.43 15.97 14.19
C ILE A 257 14.30 14.59 14.85
N TYR A 258 15.31 13.73 14.69
CA TYR A 258 15.19 12.37 15.17
C TYR A 258 15.10 12.32 16.69
N GLU A 259 16.03 12.99 17.37
CA GLU A 259 15.99 13.07 18.82
C GLU A 259 14.76 13.84 19.29
N LYS A 260 14.49 14.99 18.66
CA LYS A 260 13.43 15.87 19.11
C LYS A 260 12.09 15.16 19.16
N HIS A 261 11.79 14.35 18.14
CA HIS A 261 10.49 13.71 18.01
C HIS A 261 10.52 12.23 18.32
N ASN A 262 11.67 11.69 18.78
CA ASN A 262 11.79 10.28 19.19
C ASN A 262 11.47 9.33 18.03
N VAL A 263 12.12 9.57 16.89
CA VAL A 263 11.89 8.78 15.68
C VAL A 263 12.50 7.40 15.87
N GLN A 264 11.66 6.37 15.84
CA GLN A 264 12.06 4.97 15.98
C GLN A 264 12.24 4.26 14.65
N SER A 265 11.50 4.67 13.63
CA SER A 265 11.45 3.96 12.36
C SER A 265 11.47 4.97 11.21
N LEU A 266 12.12 4.61 10.10
CA LEU A 266 12.31 5.62 9.07
C LEU A 266 12.79 4.99 7.77
N ASN A 267 12.65 5.77 6.70
CA ASN A 267 13.30 5.56 5.43
C ASN A 267 14.19 6.76 5.11
N HIS A 268 15.35 6.50 4.53
CA HIS A 268 16.25 7.51 3.98
C HIS A 268 16.19 7.44 2.46
N GLY A 269 15.92 8.59 1.82
CA GLY A 269 16.22 8.71 0.40
C GLY A 269 17.73 8.76 0.21
N ILE A 270 18.23 7.97 -0.74
CA ILE A 270 19.68 7.80 -0.86
C ILE A 270 20.33 9.10 -1.33
N GLY A 271 21.42 9.49 -0.66
CA GLY A 271 22.21 10.65 -1.07
C GLY A 271 23.30 10.88 -0.04
N PHE A 272 24.18 11.83 -0.36
CA PHE A 272 25.27 12.10 0.58
C PHE A 272 24.75 12.70 1.87
N ASN A 273 23.64 13.45 1.80
CA ASN A 273 23.04 14.01 3.01
CA ASN A 273 23.04 14.01 3.01
C ASN A 273 22.61 12.91 3.97
N THR A 274 21.94 11.88 3.46
CA THR A 274 21.46 10.83 4.36
C THR A 274 22.54 9.80 4.66
N ALA A 275 23.51 9.63 3.76
CA ALA A 275 24.65 8.76 4.07
C ALA A 275 25.42 9.30 5.26
N ALA A 276 25.60 10.61 5.32
CA ALA A 276 26.26 11.24 6.48
C ALA A 276 25.49 10.94 7.76
N ILE A 277 24.16 10.98 7.72
CA ILE A 277 23.37 10.63 8.91
C ILE A 277 23.70 9.22 9.36
N GLU A 278 23.60 8.26 8.44
CA GLU A 278 23.89 6.86 8.75
C GLU A 278 25.28 6.70 9.33
N LEU A 279 26.27 7.42 8.80
CA LEU A 279 27.66 7.27 9.22
C LEU A 279 28.02 8.04 10.48
N ILE A 280 27.20 8.98 10.94
CA ILE A 280 27.51 9.66 12.20
C ILE A 280 26.59 9.23 13.33
N LEU A 281 25.60 8.38 13.08
CA LEU A 281 24.90 7.77 14.22
C LEU A 281 25.86 7.14 15.21
N PRO A 282 26.84 6.32 14.82
CA PRO A 282 27.68 5.65 15.83
C PRO A 282 28.73 6.57 16.46
N THR A 283 28.86 7.81 16.00
CA THR A 283 29.81 8.75 16.57
C THR A 283 29.07 9.91 17.22
N TYR A 284 28.48 10.81 16.42
CA TYR A 284 27.72 11.91 16.98
C TYR A 284 26.48 11.39 17.73
N GLY A 285 25.78 10.42 17.16
CA GLY A 285 24.63 9.88 17.85
C GLY A 285 25.02 9.23 19.16
N GLU A 286 26.14 8.52 19.19
CA GLU A 286 26.63 7.91 20.42
C GLU A 286 26.99 8.96 21.46
N SER A 287 27.59 10.07 21.03
CA SER A 287 27.93 11.14 21.96
C SER A 287 26.70 11.79 22.60
N LEU A 288 25.53 11.70 21.95
CA LEU A 288 24.27 12.19 22.49
C LEU A 288 23.54 11.14 23.32
N GLY A 289 24.11 9.94 23.44
CA GLY A 289 23.50 8.87 24.23
C GLY A 289 22.27 8.25 23.60
N LEU A 290 22.17 8.26 22.28
CA LEU A 290 20.93 7.93 21.60
C LEU A 290 20.82 6.49 21.10
N LYS A 291 21.82 5.63 21.34
CA LYS A 291 21.73 4.28 20.79
C LYS A 291 20.55 3.53 21.40
N GLY A 292 19.77 2.89 20.55
CA GLY A 292 18.57 2.22 20.98
C GLY A 292 17.38 3.11 21.28
N LYS A 293 17.55 4.44 21.22
CA LYS A 293 16.46 5.37 21.47
C LYS A 293 15.87 5.96 20.20
N ILE A 294 16.60 5.85 19.07
CA ILE A 294 16.15 6.37 17.78
C ILE A 294 16.66 5.42 16.69
N CYS A 295 15.95 5.43 15.56
CA CYS A 295 16.43 4.81 14.34
C CYS A 295 16.67 3.31 14.49
N ARG A 296 15.67 2.62 15.06
CA ARG A 296 15.79 1.18 15.31
C ARG A 296 15.33 0.34 14.12
N ASN A 297 14.24 0.72 13.48
CA ASN A 297 13.60 -0.13 12.47
C ASN A 297 13.53 0.61 11.15
N TRP A 298 14.02 -0.02 10.08
CA TRP A 298 14.21 0.65 8.81
C TRP A 298 13.46 -0.02 7.67
N THR A 299 12.97 0.80 6.74
CA THR A 299 12.61 0.36 5.40
C THR A 299 13.66 0.96 4.48
N LEU A 300 14.54 0.11 3.96
CA LEU A 300 15.75 0.61 3.31
C LEU A 300 16.41 -0.53 2.53
N ASN A 301 17.07 -0.20 1.42
CA ASN A 301 17.99 -1.14 0.78
CA ASN A 301 17.94 -1.20 0.83
C ASN A 301 19.17 -1.37 1.71
N PRO A 302 19.99 -2.42 1.45
CA PRO A 302 21.19 -2.59 2.32
C PRO A 302 22.31 -1.62 1.98
N HIS A 303 22.15 -0.37 2.44
CA HIS A 303 23.14 0.65 2.17
C HIS A 303 24.47 0.22 2.79
N PRO A 304 25.57 0.16 2.02
CA PRO A 304 26.86 -0.07 2.67
C PRO A 304 27.17 0.98 3.72
N THR A 305 26.65 2.19 3.55
CA THR A 305 26.93 3.22 4.55
C THR A 305 26.18 2.98 5.86
N LEU A 306 25.23 2.03 5.90
CA LEU A 306 24.61 1.64 7.16
C LEU A 306 25.40 0.60 7.93
N ILE A 307 26.48 0.05 7.36
CA ILE A 307 27.23 -1.01 8.04
C ILE A 307 27.69 -0.61 9.44
N PRO A 308 28.31 0.56 9.65
CA PRO A 308 28.75 0.88 11.02
C PRO A 308 27.58 0.98 12.01
N ALA A 309 26.45 1.55 11.59
CA ALA A 309 25.28 1.60 12.45
C ALA A 309 24.73 0.21 12.78
N ILE A 310 24.82 -0.74 11.83
CA ILE A 310 24.44 -2.11 12.15
C ILE A 310 25.45 -2.72 13.12
N GLU A 311 26.73 -2.59 12.82
CA GLU A 311 27.74 -3.28 13.62
C GLU A 311 27.78 -2.78 15.06
N THR A 312 27.45 -1.52 15.29
CA THR A 312 27.47 -0.99 16.65
C THR A 312 26.14 -1.14 17.39
N GLY A 313 25.15 -1.79 16.77
CA GLY A 313 23.93 -2.13 17.47
C GLY A 313 22.80 -1.11 17.39
N TRP A 314 22.90 -0.10 16.51
CA TRP A 314 21.80 0.86 16.39
C TRP A 314 20.63 0.26 15.62
N VAL A 315 20.92 -0.53 14.60
CA VAL A 315 19.93 -0.94 13.61
C VAL A 315 19.39 -2.30 14.03
N GLU A 316 18.11 -2.35 14.40
CA GLU A 316 17.49 -3.58 14.87
C GLU A 316 16.85 -4.39 13.76
N SER A 317 16.33 -3.74 12.73
CA SER A 317 15.65 -4.44 11.66
C SER A 317 15.71 -3.59 10.39
N VAL A 318 15.86 -4.27 9.26
CA VAL A 318 15.78 -3.62 7.95
C VAL A 318 14.96 -4.51 7.06
N HIS A 319 13.89 -3.96 6.48
CA HIS A 319 13.17 -4.56 5.37
C HIS A 319 13.54 -3.82 4.09
N CYS A 320 13.74 -4.57 2.99
CA CYS A 320 14.42 -4.04 1.80
C CYS A 320 13.51 -4.03 0.58
N PHE A 321 13.61 -2.94 -0.21
CA PHE A 321 12.94 -2.87 -1.51
C PHE A 321 13.66 -3.75 -2.53
N GLY A 322 14.97 -3.92 -2.39
CA GLY A 322 15.82 -4.64 -3.31
C GLY A 322 17.13 -4.96 -2.61
N THR A 323 18.07 -5.50 -3.39
CA THR A 323 19.40 -5.82 -2.88
C THR A 323 20.29 -4.58 -2.94
N GLU A 324 21.56 -4.76 -2.59
CA GLU A 324 22.60 -3.88 -3.10
C GLU A 324 23.80 -4.73 -3.48
N LEU A 325 24.40 -4.43 -4.64
CA LEU A 325 25.50 -5.24 -5.14
C LEU A 325 26.68 -5.20 -4.17
N GLY A 326 27.28 -6.38 -3.95
CA GLY A 326 28.36 -6.51 -3.00
C GLY A 326 27.94 -6.70 -1.55
N MET A 327 26.64 -6.52 -1.22
CA MET A 327 26.18 -6.63 0.15
C MET A 327 25.53 -7.98 0.45
N GLU A 328 25.42 -8.87 -0.54
CA GLU A 328 24.62 -10.07 -0.34
C GLU A 328 25.20 -10.96 0.76
N LYS A 329 26.53 -11.10 0.81
CA LYS A 329 27.12 -11.98 1.81
C LYS A 329 27.06 -11.37 3.21
N TYR A 330 27.22 -10.04 3.31
CA TYR A 330 27.01 -9.35 4.58
C TYR A 330 25.59 -9.54 5.07
N VAL A 331 24.62 -9.27 4.20
CA VAL A 331 23.22 -9.46 4.59
C VAL A 331 22.99 -10.89 5.05
N ALA A 332 23.52 -11.87 4.31
CA ALA A 332 23.31 -13.26 4.70
C ALA A 332 23.97 -13.58 6.04
N ALA A 333 25.03 -12.85 6.39
CA ALA A 333 25.70 -13.02 7.66
C ALA A 333 25.07 -12.19 8.78
N ARG A 334 23.99 -11.46 8.50
CA ARG A 334 23.31 -10.64 9.50
C ARG A 334 21.80 -10.93 9.53
N PRO A 335 21.41 -12.21 9.67
CA PRO A 335 19.98 -12.54 9.54
C PRO A 335 19.16 -12.06 10.73
N ASP A 336 19.78 -11.71 11.87
CA ASP A 336 18.97 -11.11 12.94
C ASP A 336 18.40 -9.76 12.54
N VAL A 337 19.03 -9.06 11.61
CA VAL A 337 18.64 -7.71 11.21
C VAL A 337 17.78 -7.71 9.96
N PHE A 338 18.18 -8.48 8.94
CA PHE A 338 17.54 -8.48 7.63
C PHE A 338 16.52 -9.60 7.52
N PHE A 339 15.70 -9.55 6.46
CA PHE A 339 14.73 -10.61 6.17
C PHE A 339 15.37 -11.57 5.17
N THR A 340 15.66 -12.79 5.62
CA THR A 340 16.37 -13.76 4.81
C THR A 340 15.60 -15.07 4.81
N GLY A 341 15.70 -15.81 3.71
CA GLY A 341 15.02 -17.07 3.61
C GLY A 341 15.75 -18.16 4.37
N ARG A 342 15.06 -19.28 4.55
CA ARG A 342 15.73 -20.38 5.23
C ARG A 342 16.91 -20.90 4.41
N ASP A 343 16.91 -20.61 3.09
CA ASP A 343 18.09 -20.85 2.26
C ASP A 343 19.26 -19.94 2.65
N GLY A 344 18.99 -18.81 3.30
CA GLY A 344 20.03 -17.89 3.72
C GLY A 344 20.00 -16.53 3.08
N ALA A 345 19.41 -16.39 1.88
CA ALA A 345 19.55 -15.16 1.11
C ALA A 345 18.41 -14.16 1.39
N LEU A 346 18.74 -12.88 1.25
CA LEU A 346 17.77 -11.79 1.35
C LEU A 346 16.52 -12.07 0.51
N ARG A 347 15.36 -11.65 1.04
CA ARG A 347 14.11 -11.57 0.29
C ARG A 347 13.68 -10.10 0.32
N SER A 348 13.98 -9.37 -0.74
CA SER A 348 13.40 -8.05 -0.89
C SER A 348 11.97 -8.17 -1.37
N ASN A 349 11.22 -7.09 -1.23
CA ASN A 349 9.84 -7.07 -1.69
C ASN A 349 9.47 -5.58 -1.77
N ARG A 350 9.55 -5.02 -2.99
CA ARG A 350 9.38 -3.56 -3.09
C ARG A 350 7.96 -3.14 -2.73
N MET A 351 6.95 -3.91 -3.12
CA MET A 351 5.59 -3.56 -2.73
CA MET A 351 5.58 -3.55 -2.75
C MET A 351 5.42 -3.55 -1.22
N MET A 352 5.89 -4.59 -0.54
CA MET A 352 5.71 -4.67 0.91
C MET A 352 6.52 -3.58 1.63
N CYS A 353 7.72 -3.32 1.14
CA CYS A 353 8.57 -2.32 1.78
C CYS A 353 8.02 -0.92 1.56
N GLN A 354 7.56 -0.61 0.34
CA GLN A 354 6.93 0.70 0.11
C GLN A 354 5.67 0.86 0.94
N LEU A 355 4.86 -0.21 1.06
CA LEU A 355 3.67 -0.13 1.91
C LEU A 355 4.06 0.20 3.36
N ALA A 356 5.07 -0.49 3.90
CA ALA A 356 5.53 -0.17 5.24
C ALA A 356 6.07 1.25 5.31
N GLY A 357 6.75 1.69 4.25
CA GLY A 357 7.24 3.06 4.24
C GLY A 357 6.14 4.08 4.34
N GLN A 358 4.95 3.75 3.82
CA GLN A 358 3.80 4.65 3.96
C GLN A 358 3.16 4.54 5.34
N TYR A 359 2.81 3.33 5.76
CA TYR A 359 1.91 3.13 6.88
C TYR A 359 2.58 2.82 8.21
N ALA A 360 3.83 2.34 8.20
CA ALA A 360 4.42 1.78 9.40
C ALA A 360 5.63 2.51 9.96
N VAL A 361 6.22 3.47 9.24
CA VAL A 361 7.40 4.14 9.76
C VAL A 361 7.08 5.59 10.15
N ASP A 362 7.88 6.11 11.08
CA ASP A 362 7.67 7.46 11.61
C ASP A 362 8.02 8.54 10.62
N LEU A 363 8.96 8.29 9.72
CA LEU A 363 9.63 9.40 9.05
C LEU A 363 10.15 8.99 7.68
N PHE A 364 10.03 9.92 6.73
CA PHE A 364 10.79 9.92 5.50
C PHE A 364 11.66 11.16 5.45
N ILE A 365 12.87 11.03 4.92
CA ILE A 365 13.76 12.16 4.70
C ILE A 365 14.46 11.95 3.36
N GLY A 366 14.46 12.97 2.53
CA GLY A 366 15.14 12.89 1.24
C GLY A 366 15.34 14.28 0.68
N ALA A 367 15.80 14.32 -0.56
CA ALA A 367 16.13 15.60 -1.18
C ALA A 367 15.34 15.78 -2.46
N THR A 368 15.57 16.92 -3.10
CA THR A 368 14.84 17.30 -4.30
C THR A 368 15.68 18.34 -5.03
N LEU A 369 15.33 18.60 -6.30
CA LEU A 369 16.09 19.62 -6.99
C LEU A 369 15.51 21.01 -6.83
N GLN A 370 14.17 21.13 -6.77
CA GLN A 370 13.51 22.42 -6.69
C GLN A 370 12.44 22.42 -5.61
N VAL A 371 12.32 23.55 -4.91
CA VAL A 371 11.34 23.77 -3.85
C VAL A 371 10.85 25.19 -4.02
N ASP A 372 9.53 25.39 -4.06
CA ASP A 372 9.02 26.75 -4.19
C ASP A 372 8.62 27.32 -2.82
N GLY A 373 8.06 28.53 -2.82
CA GLY A 373 7.81 29.26 -1.59
C GLY A 373 6.75 28.65 -0.69
N MET A 374 5.94 27.75 -1.23
CA MET A 374 4.96 26.98 -0.47
C MET A 374 5.51 25.64 -0.01
N GLY A 375 6.74 25.30 -0.41
CA GLY A 375 7.29 24.00 -0.10
C GLY A 375 7.02 22.92 -1.14
N HIS A 376 6.32 23.24 -2.24
CA HIS A 376 6.14 22.24 -3.29
C HIS A 376 7.49 21.85 -3.85
N SER A 377 7.70 20.56 -4.04
CA SER A 377 9.02 20.01 -4.32
CA SER A 377 9.03 20.02 -4.34
C SER A 377 8.97 19.15 -5.59
N SER A 378 9.94 19.31 -6.48
CA SER A 378 10.00 18.46 -7.66
C SER A 378 11.43 18.36 -8.15
N THR A 379 11.72 17.26 -8.84
CA THR A 379 12.99 17.11 -9.55
C THR A 379 12.82 17.25 -11.07
N VAL A 380 11.60 17.47 -11.56
CA VAL A 380 11.40 17.74 -12.98
C VAL A 380 11.93 19.12 -13.30
N THR A 381 12.75 19.22 -14.35
CA THR A 381 13.21 20.51 -14.84
C THR A 381 12.91 20.62 -16.33
N LYS A 382 13.11 21.82 -16.87
CA LYS A 382 12.73 22.11 -18.25
C LYS A 382 13.34 21.09 -19.22
N GLY A 383 12.49 20.50 -20.05
CA GLY A 383 12.92 19.52 -21.02
C GLY A 383 13.20 18.12 -20.50
N ARG A 384 13.04 17.88 -19.20
CA ARG A 384 13.42 16.60 -18.58
C ARG A 384 12.29 16.05 -17.71
N LEU A 385 11.42 15.23 -18.29
CA LEU A 385 10.25 14.72 -17.58
C LEU A 385 10.66 13.57 -16.65
N ALA A 386 11.22 13.95 -15.50
CA ALA A 386 11.62 12.96 -14.52
C ALA A 386 10.40 12.18 -14.02
N GLY A 387 10.66 10.99 -13.49
CA GLY A 387 9.65 10.24 -12.79
C GLY A 387 9.89 10.35 -11.30
N PHE A 388 8.91 9.93 -10.51
CA PHE A 388 9.15 10.15 -9.11
CA PHE A 388 8.70 10.03 -9.07
C PHE A 388 9.38 8.89 -8.29
N GLY A 389 9.36 7.70 -8.86
CA GLY A 389 9.76 6.54 -8.08
C GLY A 389 8.93 6.38 -6.81
N GLY A 390 9.61 6.08 -5.70
CA GLY A 390 8.91 5.91 -4.44
C GLY A 390 8.61 7.18 -3.68
N ALA A 391 9.16 8.32 -4.12
CA ALA A 391 9.12 9.52 -3.29
C ALA A 391 7.71 10.00 -2.93
N PRO A 392 6.73 10.02 -3.84
CA PRO A 392 5.40 10.47 -3.42
C PRO A 392 4.77 9.57 -2.35
N ASN A 393 4.98 8.26 -2.46
CA ASN A 393 4.41 7.34 -1.46
C ASN A 393 5.10 7.50 -0.11
N MET A 394 6.40 7.76 -0.13
CA MET A 394 7.17 7.98 1.10
CA MET A 394 7.13 7.96 1.12
C MET A 394 6.91 9.36 1.68
N GLY A 395 6.76 10.36 0.83
CA GLY A 395 6.67 11.74 1.24
C GLY A 395 5.27 12.32 1.25
N HIS A 396 4.35 11.66 1.96
CA HIS A 396 3.05 12.26 2.23
C HIS A 396 2.56 11.79 3.59
N ASP A 397 1.64 12.56 4.14
CA ASP A 397 0.94 12.19 5.36
C ASP A 397 -0.10 11.12 5.05
N PRO A 398 0.09 9.88 5.51
CA PRO A 398 -0.87 8.81 5.17
C PRO A 398 -2.18 8.99 5.93
N ARG A 399 -3.23 9.45 5.25
CA ARG A 399 -4.47 9.82 5.92
CA ARG A 399 -4.45 9.80 5.97
C ARG A 399 -5.35 8.61 6.25
N GLY A 400 -4.94 7.41 5.84
CA GLY A 400 -5.61 6.19 6.27
C GLY A 400 -5.01 5.62 7.52
N ARG A 401 -3.91 6.20 8.00
CA ARG A 401 -3.23 5.69 9.19
C ARG A 401 -3.97 6.07 10.47
N ARG A 402 -4.10 5.08 11.37
CA ARG A 402 -4.75 5.29 12.66
C ARG A 402 -3.90 4.93 13.87
N HIS A 403 -2.86 4.10 13.73
CA HIS A 403 -2.10 3.73 14.91
C HIS A 403 -1.11 4.82 15.29
N ASP A 404 -0.91 4.96 16.59
CA ASP A 404 -0.06 5.99 17.16
C ASP A 404 1.32 5.45 17.47
N THR A 405 2.31 6.30 17.25
CA THR A 405 3.67 6.17 17.77
C THR A 405 4.04 7.56 18.28
N PRO A 406 5.07 7.67 19.13
CA PRO A 406 5.38 8.99 19.71
C PRO A 406 5.68 10.09 18.69
N ALA A 407 6.48 9.82 17.65
CA ALA A 407 6.78 10.86 16.67
C ALA A 407 5.52 11.30 15.93
N TRP A 408 4.66 10.34 15.55
CA TRP A 408 3.44 10.65 14.81
C TRP A 408 2.48 11.46 15.66
N LEU A 409 2.34 11.12 16.94
CA LEU A 409 1.54 11.95 17.85
C LEU A 409 2.13 13.35 18.04
N ASP A 410 3.46 13.47 17.96
CA ASP A 410 4.11 14.76 18.20
C ASP A 410 3.74 15.79 17.14
N MET A 411 3.22 15.33 16.00
CA MET A 411 2.77 16.22 14.94
C MET A 411 1.33 16.72 15.13
N ARG A 412 0.61 16.17 16.10
CA ARG A 412 -0.80 16.52 16.29
C ARG A 412 -0.96 17.93 16.87
N LEU A 413 -2.04 18.60 16.44
CA LEU A 413 -2.47 19.89 16.98
C LEU A 413 -2.33 19.97 18.50
N GLN A 414 -1.74 21.05 18.97
CA GLN A 414 -1.59 21.32 20.40
C GLN A 414 -2.37 22.56 20.80
N GLY A 415 -2.62 22.69 22.11
CA GLY A 415 -3.30 23.83 22.66
C GLY A 415 -4.82 23.80 22.59
N ALA A 416 -5.40 22.75 22.03
CA ALA A 416 -6.84 22.60 21.92
C ALA A 416 -7.42 22.03 23.21
N ASN A 417 -8.76 22.13 23.35
CA ASN A 417 -9.41 21.50 24.49
C ASN A 417 -9.38 19.98 24.33
N GLU A 418 -9.79 19.27 25.39
CA GLU A 418 -9.66 17.82 25.40
C GLU A 418 -10.42 17.19 24.23
N THR A 419 -11.67 17.62 24.03
CA THR A 419 -12.50 17.06 22.96
C THR A 419 -11.84 17.21 21.59
N GLU A 420 -11.42 18.44 21.25
CA GLU A 420 -10.82 18.67 19.94
C GLU A 420 -9.50 17.95 19.79
N THR A 421 -8.76 17.77 20.88
CA THR A 421 -7.51 17.02 20.80
C THR A 421 -7.78 15.55 20.48
N TYR A 422 -8.85 14.98 21.03
CA TYR A 422 -9.21 13.60 20.72
C TYR A 422 -9.67 13.45 19.27
N LEU A 423 -10.20 14.52 18.67
CA LEU A 423 -10.62 14.49 17.27
C LEU A 423 -9.50 14.87 16.30
N ALA A 424 -8.38 15.38 16.81
CA ALA A 424 -7.25 15.64 15.94
C ALA A 424 -6.45 14.36 15.73
N ARG A 425 -5.59 14.35 14.72
CA ARG A 425 -4.78 13.18 14.47
C ARG A 425 -3.31 13.55 14.29
N GLY A 426 -2.46 12.55 14.46
CA GLY A 426 -1.05 12.71 14.22
C GLY A 426 -0.77 12.83 12.74
N LYS A 427 0.52 12.96 12.42
CA LYS A 427 0.99 13.09 11.04
CA LYS A 427 0.99 13.10 11.04
C LYS A 427 2.34 12.40 10.90
N LYS A 428 2.58 11.80 9.75
CA LYS A 428 3.90 11.24 9.53
C LYS A 428 4.89 12.38 9.26
N LEU A 429 6.14 12.21 9.72
CA LEU A 429 7.17 13.19 9.46
C LEU A 429 7.71 13.01 8.05
N VAL A 430 7.75 14.11 7.30
CA VAL A 430 8.22 14.13 5.93
C VAL A 430 9.22 15.29 5.86
N VAL A 431 10.51 14.96 5.69
CA VAL A 431 11.59 15.92 5.77
C VAL A 431 12.17 16.12 4.39
N GLN A 432 12.23 17.37 3.95
CA GLN A 432 13.03 17.75 2.78
C GLN A 432 14.38 18.28 3.26
N MET A 433 15.44 17.52 2.99
CA MET A 433 16.79 17.83 3.44
C MET A 433 17.61 18.17 2.21
N VAL A 434 17.87 19.46 2.01
CA VAL A 434 18.33 19.98 0.73
CA VAL A 434 18.38 19.95 0.73
C VAL A 434 19.28 21.15 0.98
N GLU A 435 20.39 21.22 0.23
CA GLU A 435 21.21 22.42 0.30
C GLU A 435 20.54 23.53 -0.50
N THR A 436 20.90 24.77 -0.17
CA THR A 436 20.20 25.90 -0.79
C THR A 436 20.54 26.04 -2.27
N PHE A 437 21.71 25.58 -2.69
CA PHE A 437 22.05 25.53 -4.10
C PHE A 437 22.45 24.12 -4.49
N GLN A 438 22.07 23.75 -5.72
CA GLN A 438 22.30 22.42 -6.24
CA GLN A 438 22.28 22.42 -6.28
C GLN A 438 23.70 22.29 -6.82
N GLU A 439 24.07 21.06 -7.13
CA GLU A 439 25.32 20.81 -7.84
C GLU A 439 25.19 21.42 -9.24
N GLY A 440 26.09 22.32 -9.57
CA GLY A 440 25.98 23.13 -10.77
C GLY A 440 25.67 24.59 -10.49
N GLY A 441 25.35 24.93 -9.24
CA GLY A 441 25.11 26.30 -8.87
C GLY A 441 23.69 26.79 -9.06
N LYS A 442 22.77 25.92 -9.47
CA LYS A 442 21.41 26.41 -9.60
C LYS A 442 20.74 26.44 -8.22
N PRO A 443 19.89 27.42 -7.96
CA PRO A 443 19.21 27.49 -6.66
C PRO A 443 18.21 26.35 -6.49
N THR A 444 18.15 25.83 -5.26
CA THR A 444 17.10 24.87 -4.94
C THR A 444 15.77 25.58 -4.76
N PHE A 445 15.78 26.71 -4.09
CA PHE A 445 14.57 27.45 -3.79
C PHE A 445 14.30 28.42 -4.92
N VAL A 446 13.12 28.29 -5.54
CA VAL A 446 12.74 29.05 -6.72
C VAL A 446 11.33 29.61 -6.52
N ASP A 447 11.08 30.77 -7.14
CA ASP A 447 9.73 31.34 -7.10
C ASP A 447 8.73 30.46 -7.85
N ARG A 448 9.15 29.79 -8.92
CA ARG A 448 8.26 29.00 -9.74
C ARG A 448 8.95 27.70 -10.13
N LEU A 449 8.31 26.58 -9.82
CA LEU A 449 8.84 25.28 -10.22
C LEU A 449 8.86 25.14 -11.74
N ASP A 450 9.99 24.62 -12.27
CA ASP A 450 10.05 24.25 -13.69
C ASP A 450 8.90 23.33 -14.05
N ALA A 451 8.43 22.52 -13.09
CA ALA A 451 7.45 21.48 -13.36
C ALA A 451 6.19 22.04 -13.99
N ILE A 452 5.80 23.27 -13.64
CA ILE A 452 4.57 23.84 -14.17
C ILE A 452 4.65 23.97 -15.68
N ASP A 453 5.73 24.57 -16.18
CA ASP A 453 5.84 24.71 -17.64
C ASP A 453 6.09 23.37 -18.32
N VAL A 454 6.75 22.42 -17.65
CA VAL A 454 6.90 21.09 -18.24
C VAL A 454 5.53 20.45 -18.43
N ALA A 455 4.65 20.60 -17.44
CA ALA A 455 3.28 20.08 -17.58
C ALA A 455 2.59 20.68 -18.80
N LYS A 456 2.72 21.99 -19.00
CA LYS A 456 2.12 22.63 -20.17
C LYS A 456 2.71 22.08 -21.47
N THR A 457 4.03 21.98 -21.52
CA THR A 457 4.70 21.55 -22.75
C THR A 457 4.39 20.10 -23.09
N ALA A 458 4.33 19.23 -22.08
CA ALA A 458 4.08 17.81 -22.26
C ALA A 458 2.60 17.44 -22.27
N GLY A 459 1.71 18.38 -21.99
CA GLY A 459 0.29 18.06 -21.98
C GLY A 459 -0.20 17.35 -20.73
N LEU A 460 0.41 17.60 -19.59
CA LEU A 460 -0.08 16.96 -18.38
C LEU A 460 -1.04 17.89 -17.65
N PRO A 461 -2.07 17.37 -16.98
CA PRO A 461 -3.00 18.26 -16.28
C PRO A 461 -2.45 18.85 -14.99
N LEU A 462 -1.51 18.19 -14.33
CA LEU A 462 -0.92 18.68 -13.09
C LEU A 462 0.58 18.89 -13.28
N ALA A 463 1.12 19.91 -12.62
CA ALA A 463 2.56 20.02 -12.53
C ALA A 463 3.09 18.75 -11.88
N PRO A 464 4.11 18.08 -12.46
CA PRO A 464 4.63 16.88 -11.78
C PRO A 464 5.39 17.23 -10.51
N ILE A 465 4.71 17.05 -9.38
CA ILE A 465 5.19 17.43 -8.06
CA ILE A 465 5.22 17.43 -8.07
C ILE A 465 5.56 16.15 -7.30
N MET A 466 6.81 16.07 -6.84
CA MET A 466 7.24 14.91 -6.08
C MET A 466 6.61 14.89 -4.68
N ILE A 467 6.70 16.02 -3.97
CA ILE A 467 6.19 16.13 -2.61
C ILE A 467 5.50 17.48 -2.49
N TYR A 468 4.22 17.47 -2.11
CA TYR A 468 3.46 18.71 -1.96
C TYR A 468 3.84 19.41 -0.67
N GLY A 469 3.82 20.75 -0.73
CA GLY A 469 4.27 21.55 0.40
C GLY A 469 3.51 21.25 1.67
N ASP A 470 2.22 20.97 1.55
CA ASP A 470 1.42 20.68 2.73
C ASP A 470 1.74 19.33 3.37
N ASP A 471 2.51 18.47 2.69
CA ASP A 471 2.97 17.20 3.27
C ASP A 471 4.32 17.31 3.96
N VAL A 472 5.01 18.44 3.81
CA VAL A 472 6.33 18.60 4.42
C VAL A 472 6.13 19.04 5.87
N THR A 473 6.66 18.26 6.81
CA THR A 473 6.67 18.68 8.20
C THR A 473 7.97 19.39 8.60
N HIS A 474 9.07 19.11 7.91
CA HIS A 474 10.38 19.68 8.26
C HIS A 474 11.13 20.03 6.99
N LEU A 475 11.65 21.27 6.91
CA LEU A 475 12.59 21.68 5.87
C LEU A 475 13.97 21.86 6.49
N LEU A 476 14.96 21.10 6.02
CA LEU A 476 16.30 21.10 6.58
CA LEU A 476 16.30 21.12 6.58
C LEU A 476 17.31 21.48 5.50
N THR A 477 18.02 22.60 5.71
CA THR A 477 19.08 23.04 4.80
C THR A 477 20.38 23.20 5.58
N GLU A 478 21.43 23.61 4.89
CA GLU A 478 22.67 23.91 5.59
C GLU A 478 22.55 25.14 6.48
N GLU A 479 21.44 25.87 6.36
CA GLU A 479 21.16 27.02 7.23
C GLU A 479 20.43 26.65 8.51
N GLY A 480 19.67 25.56 8.54
CA GLY A 480 18.92 25.19 9.73
C GLY A 480 17.66 24.44 9.36
N ILE A 481 16.75 24.33 10.33
CA ILE A 481 15.51 23.59 10.16
C ILE A 481 14.34 24.56 10.31
N ALA A 482 13.39 24.50 9.38
CA ALA A 482 12.11 25.14 9.54
C ALA A 482 11.10 24.07 9.95
N TYR A 483 10.48 24.22 11.12
CA TYR A 483 9.50 23.25 11.61
C TYR A 483 8.12 23.58 11.03
N LEU A 484 7.98 23.29 9.73
CA LEU A 484 6.80 23.71 8.98
C LEU A 484 5.51 23.11 9.54
N TYR A 485 5.58 21.94 10.20
CA TYR A 485 4.37 21.36 10.76
C TYR A 485 3.70 22.27 11.78
N LYS A 486 4.45 23.23 12.33
CA LYS A 486 3.94 24.13 13.34
C LYS A 486 3.54 25.49 12.77
N ALA A 487 3.78 25.75 11.49
CA ALA A 487 3.39 27.03 10.91
C ALA A 487 1.90 27.27 11.13
N SER A 488 1.57 28.47 11.62
CA SER A 488 0.18 28.82 11.94
C SER A 488 -0.60 29.31 10.74
N SER A 489 0.08 29.77 9.69
CA SER A 489 -0.58 30.25 8.48
C SER A 489 0.35 30.00 7.31
N GLN A 490 -0.21 30.11 6.10
CA GLN A 490 0.62 29.97 4.92
C GLN A 490 1.64 31.10 4.83
N GLU A 491 1.31 32.27 5.38
CA GLU A 491 2.27 33.36 5.43
CA GLU A 491 2.27 33.36 5.43
C GLU A 491 3.41 33.04 6.38
N GLU A 492 3.12 32.43 7.53
CA GLU A 492 4.18 32.02 8.42
C GLU A 492 5.02 30.93 7.80
N ARG A 493 4.36 29.95 7.15
CA ARG A 493 5.10 28.90 6.47
CA ARG A 493 5.11 28.90 6.47
CA ARG A 493 5.08 28.89 6.46
C ARG A 493 6.13 29.48 5.51
N GLN A 494 5.73 30.48 4.72
CA GLN A 494 6.64 31.06 3.74
C GLN A 494 7.80 31.79 4.40
N ALA A 495 7.55 32.45 5.54
CA ALA A 495 8.64 33.14 6.24
C ALA A 495 9.63 32.15 6.86
N MET A 496 9.18 30.97 7.23
CA MET A 496 10.09 29.98 7.80
C MET A 496 10.94 29.31 6.72
N ILE A 497 10.35 29.05 5.55
CA ILE A 497 11.15 28.61 4.43
C ILE A 497 12.22 29.66 4.11
N ALA A 498 11.81 30.92 4.01
CA ALA A 498 12.75 31.98 3.66
C ALA A 498 13.91 32.06 4.65
N ALA A 499 13.67 31.75 5.93
CA ALA A 499 14.71 31.86 6.96
C ALA A 499 15.86 30.87 6.77
N VAL A 500 15.60 29.73 6.12
CA VAL A 500 16.63 28.71 5.93
C VAL A 500 17.00 28.57 4.46
N ALA A 501 16.66 29.54 3.62
CA ALA A 501 16.90 29.42 2.19
C ALA A 501 18.16 30.13 1.70
N GLY A 502 19.01 30.62 2.62
CA GLY A 502 20.30 31.15 2.20
C GLY A 502 20.17 32.37 1.30
N VAL A 503 20.99 32.46 0.26
CA VAL A 503 20.98 33.61 -0.62
C VAL A 503 20.31 33.30 -1.96
N THR A 504 19.47 32.26 -2.00
CA THR A 504 18.52 32.13 -3.11
C THR A 504 17.58 33.33 -3.12
N SER A 505 16.75 33.43 -4.16
CA SER A 505 15.84 34.57 -4.25
C SER A 505 14.90 34.60 -3.04
N ILE A 506 14.40 33.44 -2.64
CA ILE A 506 13.55 33.35 -1.45
C ILE A 506 14.33 33.71 -0.18
N GLY A 507 15.56 33.22 -0.06
CA GLY A 507 16.36 33.51 1.12
C GLY A 507 16.70 34.99 1.27
N LEU A 508 16.98 35.67 0.15
CA LEU A 508 17.31 37.09 0.20
C LEU A 508 16.14 37.95 0.68
N THR A 509 14.90 37.44 0.61
CA THR A 509 13.75 38.18 1.11
C THR A 509 13.60 38.13 2.63
N GLN A 510 14.34 37.28 3.33
CA GLN A 510 14.08 37.07 4.75
C GLN A 510 14.28 38.37 5.52
N ASP A 511 13.36 38.61 6.45
CA ASP A 511 13.38 39.79 7.33
C ASP A 511 14.13 39.43 8.59
N PRO A 512 15.19 40.15 8.95
CA PRO A 512 15.97 39.77 10.14
C PRO A 512 15.16 39.73 11.43
N LYS A 513 14.25 40.68 11.61
CA LYS A 513 13.40 40.70 12.79
C LYS A 513 12.46 39.49 12.81
N THR A 514 11.91 39.13 11.66
CA THR A 514 11.05 37.95 11.59
C THR A 514 11.86 36.69 11.85
N THR A 515 13.05 36.58 11.26
CA THR A 515 13.88 35.41 11.52
C THR A 515 14.27 35.31 12.98
N ALA A 516 14.59 36.44 13.62
CA ALA A 516 14.86 36.39 15.05
C ALA A 516 13.64 35.92 15.83
N ARG A 517 12.47 36.43 15.49
CA ARG A 517 11.24 36.02 16.16
C ARG A 517 10.97 34.52 15.99
N LEU A 518 11.09 34.03 14.74
CA LEU A 518 10.86 32.60 14.48
C LEU A 518 11.84 31.73 15.25
N ARG A 519 13.10 32.16 15.38
CA ARG A 519 14.06 31.41 16.18
C ARG A 519 13.71 31.47 17.67
N ARG A 520 13.31 32.64 18.16
CA ARG A 520 12.94 32.73 19.57
C ARG A 520 11.77 31.80 19.90
N GLU A 521 10.80 31.72 19.00
CA GLU A 521 9.62 30.89 19.22
C GLU A 521 9.86 29.41 18.95
N GLY A 522 11.06 29.04 18.50
CA GLY A 522 11.37 27.65 18.22
C GLY A 522 10.88 27.13 16.89
N LEU A 523 10.38 28.01 16.00
CA LEU A 523 9.87 27.58 14.70
C LEU A 523 10.98 27.38 13.67
N VAL A 524 12.11 28.05 13.86
CA VAL A 524 13.31 27.88 13.06
C VAL A 524 14.46 27.64 14.03
N VAL A 525 15.35 26.71 13.69
CA VAL A 525 16.58 26.52 14.44
C VAL A 525 17.77 26.61 13.49
N PHE A 526 18.72 27.47 13.85
CA PHE A 526 20.05 27.49 13.26
C PHE A 526 20.94 26.49 14.00
N PRO A 527 22.10 26.13 13.44
CA PRO A 527 22.98 25.20 14.16
C PRO A 527 23.24 25.58 15.62
N GLU A 528 23.43 26.88 15.89
CA GLU A 528 23.71 27.30 17.27
C GLU A 528 22.56 26.98 18.21
N ASP A 529 21.31 27.06 17.72
CA ASP A 529 20.14 26.77 18.54
C ASP A 529 20.04 25.30 18.93
N LEU A 530 20.78 24.42 18.26
CA LEU A 530 20.82 23.01 18.62
C LEU A 530 22.11 22.64 19.33
N GLY A 531 22.92 23.62 19.71
CA GLY A 531 24.20 23.34 20.34
C GLY A 531 25.26 22.85 19.37
N ILE A 532 25.17 23.22 18.10
CA ILE A 532 26.07 22.71 17.08
C ILE A 532 26.94 23.87 16.58
N ARG A 533 28.25 23.70 16.71
CA ARG A 533 29.21 24.59 16.08
C ARG A 533 29.54 24.07 14.68
N ARG A 534 29.49 24.94 13.69
CA ARG A 534 29.81 24.54 12.33
C ARG A 534 31.20 23.92 12.22
N THR A 535 32.14 24.33 13.08
CA THR A 535 33.47 23.76 13.05
C THR A 535 33.53 22.33 13.61
N ASP A 536 32.48 21.87 14.30
CA ASP A 536 32.45 20.48 14.72
C ASP A 536 31.95 19.53 13.63
N ALA A 537 31.38 20.08 12.56
CA ALA A 537 30.80 19.27 11.48
C ALA A 537 31.89 18.99 10.45
N THR A 538 32.68 17.94 10.69
CA THR A 538 33.81 17.59 9.84
C THR A 538 33.72 16.12 9.46
N ARG A 539 34.52 15.74 8.46
CA ARG A 539 34.61 14.34 8.06
C ARG A 539 35.18 13.45 9.16
N GLU A 540 35.87 14.00 10.15
CA GLU A 540 36.34 13.16 11.25
C GLU A 540 35.19 12.54 12.02
N LEU A 541 33.98 13.09 11.92
CA LEU A 541 32.82 12.50 12.58
C LEU A 541 32.33 11.24 11.88
N LEU A 542 32.65 11.05 10.61
CA LEU A 542 32.18 9.87 9.89
C LEU A 542 32.78 8.60 10.46
N ALA A 543 31.93 7.60 10.73
CA ALA A 543 32.43 6.31 11.20
C ALA A 543 33.28 5.63 10.14
N ALA A 544 33.02 5.91 8.86
CA ALA A 544 33.84 5.41 7.77
C ALA A 544 34.10 6.57 6.81
N LYS A 545 35.37 6.75 6.43
CA LYS A 545 35.79 7.84 5.55
C LYS A 545 35.82 7.45 4.08
N ASN A 546 35.75 6.16 3.76
CA ASN A 546 35.89 5.71 2.38
C ASN A 546 35.33 4.29 2.30
N ILE A 547 35.34 3.74 1.08
CA ILE A 547 34.82 2.40 0.85
C ILE A 547 35.65 1.35 1.60
N ALA A 548 36.98 1.47 1.54
CA ALA A 548 37.84 0.53 2.28
C ALA A 548 37.42 0.46 3.75
N ASP A 549 37.03 1.61 4.31
CA ASP A 549 36.61 1.63 5.71
C ASP A 549 35.33 0.83 5.91
N LEU A 550 34.41 0.87 4.93
CA LEU A 550 33.20 0.07 5.02
C LEU A 550 33.54 -1.42 4.94
N VAL A 551 34.49 -1.79 4.09
CA VAL A 551 34.90 -3.18 4.01
C VAL A 551 35.43 -3.65 5.36
N THR A 552 36.32 -2.84 5.96
CA THR A 552 36.85 -3.16 7.28
C THR A 552 35.73 -3.29 8.30
N TRP A 553 34.80 -2.33 8.33
CA TRP A 553 33.68 -2.39 9.25
C TRP A 553 32.88 -3.68 9.10
N SER A 554 32.74 -4.17 7.87
CA SER A 554 31.98 -5.37 7.58
C SER A 554 32.75 -6.65 7.83
N ASP A 555 33.98 -6.56 8.37
CA ASP A 555 34.82 -7.73 8.60
C ASP A 555 35.13 -8.46 7.29
N GLY A 556 35.28 -7.70 6.20
CA GLY A 556 35.58 -8.25 4.90
C GLY A 556 34.40 -8.82 4.15
N LEU A 557 33.19 -8.75 4.72
CA LEU A 557 32.02 -9.34 4.09
C LEU A 557 31.49 -8.51 2.92
N TYR A 558 31.54 -7.18 3.03
CA TYR A 558 31.14 -6.31 1.94
C TYR A 558 32.19 -6.37 0.83
N GLN A 559 31.73 -6.64 -0.40
CA GLN A 559 32.60 -6.80 -1.56
C GLN A 559 32.21 -5.73 -2.58
N PRO A 560 32.89 -4.58 -2.58
CA PRO A 560 32.46 -3.45 -3.43
C PRO A 560 32.46 -3.83 -4.90
N PRO A 561 31.42 -3.45 -5.63
CA PRO A 561 31.41 -3.69 -7.08
C PRO A 561 32.40 -2.78 -7.80
N ALA A 562 32.54 -3.03 -9.11
CA ALA A 562 33.52 -2.31 -9.93
C ALA A 562 33.40 -0.79 -9.82
N LYS A 563 32.19 -0.28 -9.63
CA LYS A 563 32.01 1.16 -9.53
C LYS A 563 32.76 1.73 -8.32
N PHE A 564 32.90 0.95 -7.24
CA PHE A 564 33.47 1.45 -6.00
C PHE A 564 34.73 0.71 -5.57
N ARG A 565 35.28 -0.17 -6.41
CA ARG A 565 36.49 -0.92 -6.09
C ARG A 565 37.72 -0.02 -5.92
N LEU B 19 26.47 -14.43 17.03
CA LEU B 19 25.83 -13.29 17.67
C LEU B 19 24.92 -12.54 16.70
N TRP B 20 24.85 -12.99 15.44
CA TRP B 20 23.91 -12.41 14.48
C TRP B 20 22.89 -13.43 13.98
N THR B 21 22.88 -14.63 14.55
CA THR B 21 22.01 -15.72 14.17
C THR B 21 21.13 -16.15 15.34
N LYS B 22 20.80 -15.22 16.23
CA LYS B 22 20.02 -15.57 17.42
C LYS B 22 18.61 -16.05 17.06
N ARG B 23 17.94 -15.37 16.12
CA ARG B 23 16.60 -15.81 15.75
C ARG B 23 16.66 -17.20 15.13
N ARG B 24 17.59 -17.39 14.19
CA ARG B 24 17.75 -18.68 13.53
C ARG B 24 17.97 -19.79 14.55
N HIS B 25 18.88 -19.56 15.50
CA HIS B 25 19.19 -20.58 16.49
CA HIS B 25 19.20 -20.59 16.48
C HIS B 25 18.00 -20.87 17.39
N ALA B 26 17.32 -19.82 17.85
CA ALA B 26 16.15 -20.02 18.72
C ALA B 26 15.09 -20.86 18.03
N LYS B 27 14.84 -20.57 16.75
CA LYS B 27 13.84 -21.33 16.00
C LYS B 27 14.24 -22.78 15.85
N GLN B 28 15.50 -23.01 15.49
CA GLN B 28 15.96 -24.37 15.27
C GLN B 28 15.75 -25.24 16.50
N LEU B 29 16.02 -24.69 17.71
CA LEU B 29 15.85 -25.49 18.91
C LEU B 29 14.39 -25.91 19.10
N LYS B 30 13.46 -25.03 18.74
CA LYS B 30 12.04 -25.35 18.88
C LYS B 30 11.60 -26.34 17.82
N LEU B 31 12.07 -26.18 16.58
CA LEU B 31 11.73 -27.16 15.55
C LEU B 31 12.20 -28.55 15.95
N GLU B 32 13.40 -28.64 16.55
CA GLU B 32 13.93 -29.93 16.97
C GLU B 32 13.06 -30.60 18.02
N MET B 33 12.55 -29.82 18.98
CA MET B 33 11.66 -30.40 19.99
C MET B 33 10.30 -30.76 19.39
N ALA B 34 9.74 -29.89 18.56
CA ALA B 34 8.45 -30.19 17.94
C ALA B 34 8.52 -31.39 16.99
N ASN B 35 9.67 -31.60 16.34
CA ASN B 35 9.80 -32.70 15.38
C ASN B 35 9.65 -34.06 16.04
N GLN B 36 9.82 -34.14 17.36
CA GLN B 36 9.56 -35.40 18.05
C GLN B 36 8.10 -35.82 17.97
N TYR B 37 7.21 -34.90 17.58
CA TYR B 37 5.78 -35.17 17.52
C TYR B 37 5.21 -35.10 16.12
N THR B 38 6.02 -34.92 15.09
CA THR B 38 5.51 -34.69 13.75
C THR B 38 6.09 -35.70 12.77
N ASP B 39 5.41 -35.82 11.61
CA ASP B 39 5.94 -36.54 10.46
C ASP B 39 6.48 -35.48 9.49
N GLY B 40 7.71 -35.07 9.70
CA GLY B 40 8.24 -33.96 8.93
C GLY B 40 7.39 -32.73 9.20
N VAL B 41 6.78 -32.18 8.15
CA VAL B 41 5.96 -30.99 8.32
CA VAL B 41 5.94 -30.99 8.25
C VAL B 41 4.58 -31.28 8.86
N VAL B 42 4.12 -32.53 8.86
CA VAL B 42 2.74 -32.85 9.18
C VAL B 42 2.60 -33.12 10.67
N ILE B 43 1.90 -32.23 11.37
CA ILE B 43 1.49 -32.44 12.76
C ILE B 43 0.29 -33.39 12.78
N PRO B 44 0.29 -34.43 13.61
CA PRO B 44 -0.93 -35.24 13.79
C PRO B 44 -2.01 -34.39 14.45
N THR B 45 -3.24 -34.53 13.95
CA THR B 45 -4.32 -33.67 14.41
C THR B 45 -4.50 -33.75 15.93
N GLN B 46 -4.41 -34.95 16.50
CA GLN B 46 -4.70 -35.08 17.93
C GLN B 46 -3.65 -34.41 18.82
N ASP B 47 -2.47 -34.11 18.28
CA ASP B 47 -1.36 -33.62 19.10
C ASP B 47 -1.08 -32.13 18.88
N ILE B 48 -2.03 -31.38 18.32
CA ILE B 48 -1.80 -29.98 17.99
C ILE B 48 -1.49 -29.16 19.24
N ILE B 49 -2.14 -29.46 20.37
CA ILE B 49 -1.92 -28.64 21.56
C ILE B 49 -0.49 -28.81 22.06
N LYS B 50 0.00 -30.04 22.15
CA LYS B 50 1.38 -30.28 22.58
C LYS B 50 2.36 -29.56 21.66
N VAL B 51 2.11 -29.58 20.35
CA VAL B 51 3.00 -28.92 19.40
C VAL B 51 2.93 -27.40 19.57
N LEU B 52 1.74 -26.83 19.79
CA LEU B 52 1.66 -25.40 20.03
C LEU B 52 2.43 -25.02 21.29
N GLU B 53 2.31 -25.82 22.34
CA GLU B 53 3.03 -25.54 23.57
C GLU B 53 4.53 -25.73 23.42
N THR B 54 4.97 -26.33 22.31
CA THR B 54 6.39 -26.50 22.03
C THR B 54 6.93 -25.39 21.15
N LEU B 55 6.16 -24.95 20.15
CA LEU B 55 6.64 -23.97 19.19
C LEU B 55 6.46 -22.52 19.66
N ILE B 56 5.46 -22.24 20.48
CA ILE B 56 5.16 -20.88 20.93
C ILE B 56 5.78 -20.69 22.30
N THR B 57 6.31 -19.49 22.55
CA THR B 57 6.91 -19.15 23.83
CA THR B 57 7.00 -19.06 23.76
C THR B 57 6.23 -17.92 24.42
N PRO B 58 6.17 -17.83 25.75
CA PRO B 58 5.55 -16.66 26.38
C PRO B 58 6.14 -15.37 25.83
N GLY B 59 5.28 -14.38 25.63
CA GLY B 59 5.67 -13.08 25.11
C GLY B 59 5.75 -13.01 23.59
N ASP B 60 5.63 -14.15 22.92
CA ASP B 60 5.63 -14.18 21.46
C ASP B 60 4.58 -13.26 20.88
N LYS B 61 4.93 -12.61 19.79
CA LYS B 61 3.96 -11.96 18.91
C LYS B 61 3.38 -13.04 18.00
N VAL B 62 2.07 -13.29 18.11
CA VAL B 62 1.41 -14.37 17.40
C VAL B 62 0.36 -13.77 16.48
N VAL B 63 0.56 -13.94 15.17
CA VAL B 63 -0.48 -13.62 14.21
C VAL B 63 -1.44 -14.80 14.14
N LEU B 64 -2.74 -14.52 14.25
CA LEU B 64 -3.74 -15.59 14.24
C LEU B 64 -4.86 -15.18 13.30
N GLU B 65 -5.12 -16.01 12.28
CA GLU B 65 -6.19 -15.74 11.31
C GLU B 65 -7.52 -16.20 11.89
N GLY B 66 -8.47 -15.27 12.07
CA GLY B 66 -8.19 -13.85 12.08
C GLY B 66 -8.35 -13.06 10.80
N ASN B 67 -8.69 -13.70 9.69
CA ASN B 67 -9.01 -12.85 8.55
CA ASN B 67 -9.04 -12.95 8.48
C ASN B 67 -10.44 -12.36 8.65
N ASN B 68 -10.78 -11.39 7.79
CA ASN B 68 -12.14 -10.88 7.81
CA ASN B 68 -12.15 -10.88 7.79
C ASN B 68 -13.17 -11.99 7.62
N GLN B 69 -12.83 -12.99 6.80
CA GLN B 69 -13.74 -14.11 6.56
C GLN B 69 -13.15 -15.42 7.05
N LYS B 70 -12.07 -15.90 6.46
CA LYS B 70 -11.51 -17.20 6.81
C LYS B 70 -10.96 -17.19 8.23
N GLN B 71 -11.35 -18.16 9.03
CA GLN B 71 -10.81 -18.33 10.37
C GLN B 71 -10.09 -19.67 10.46
N ALA B 72 -8.85 -19.64 10.94
CA ALA B 72 -8.14 -20.85 11.35
C ALA B 72 -8.67 -21.27 12.73
N ASP B 73 -9.93 -21.70 12.74
CA ASP B 73 -10.61 -21.92 14.01
C ASP B 73 -10.16 -23.20 14.71
N PHE B 74 -9.62 -24.16 13.99
CA PHE B 74 -9.00 -25.29 14.67
C PHE B 74 -7.77 -24.83 15.45
N LEU B 75 -6.92 -24.01 14.82
CA LEU B 75 -5.75 -23.49 15.53
C LEU B 75 -6.14 -22.54 16.65
N SER B 76 -7.16 -21.69 16.44
CA SER B 76 -7.56 -20.78 17.50
C SER B 76 -8.23 -21.52 18.66
N ARG B 77 -9.11 -22.48 18.35
CA ARG B 77 -9.70 -23.29 19.44
C ARG B 77 -8.62 -24.05 20.19
N SER B 78 -7.65 -24.62 19.49
CA SER B 78 -6.58 -25.35 20.15
C SER B 78 -5.71 -24.44 20.99
N LEU B 79 -5.37 -23.26 20.47
CA LEU B 79 -4.57 -22.32 21.24
C LEU B 79 -5.25 -21.94 22.54
N ALA B 80 -6.57 -21.75 22.49
CA ALA B 80 -7.31 -21.40 23.69
C ALA B 80 -7.40 -22.55 24.69
N GLN B 81 -7.00 -23.76 24.30
CA GLN B 81 -7.00 -24.91 25.20
C GLN B 81 -5.62 -25.22 25.74
N THR B 82 -4.62 -24.42 25.39
CA THR B 82 -3.26 -24.66 25.88
C THR B 82 -3.13 -24.28 27.34
N ASN B 83 -2.05 -24.76 27.95
CA ASN B 83 -1.81 -24.57 29.38
C ASN B 83 -1.29 -23.16 29.63
N PRO B 84 -2.01 -22.32 30.36
CA PRO B 84 -1.55 -20.95 30.57
C PRO B 84 -0.28 -20.86 31.43
N ASP B 85 0.07 -21.92 32.16
CA ASP B 85 1.37 -21.96 32.82
C ASP B 85 2.52 -22.05 31.82
N ILE B 86 2.26 -22.53 30.61
CA ILE B 86 3.28 -22.60 29.55
C ILE B 86 3.18 -21.43 28.59
N LEU B 87 1.98 -21.16 28.09
CA LEU B 87 1.75 -20.10 27.13
C LEU B 87 0.99 -18.98 27.84
N HIS B 88 1.69 -17.87 28.07
CA HIS B 88 1.09 -16.69 28.68
C HIS B 88 1.75 -15.46 28.07
N ASP B 89 1.11 -14.30 28.25
CA ASP B 89 1.65 -13.02 27.78
C ASP B 89 1.85 -13.03 26.26
N LEU B 90 1.09 -13.83 25.55
CA LEU B 90 1.16 -13.73 24.11
C LEU B 90 0.66 -12.36 23.66
N HIS B 91 1.22 -11.86 22.58
CA HIS B 91 0.84 -10.60 21.96
C HIS B 91 0.14 -10.98 20.67
N MET B 92 -1.19 -10.91 20.67
CA MET B 92 -1.94 -11.34 19.52
C MET B 92 -2.00 -10.23 18.48
N ILE B 93 -1.72 -10.59 17.23
CA ILE B 93 -1.82 -9.68 16.10
C ILE B 93 -2.89 -10.27 15.20
N MET B 94 -4.03 -9.59 15.08
CA MET B 94 -5.17 -10.22 14.41
C MET B 94 -5.88 -9.22 13.53
N PRO B 95 -5.91 -9.43 12.21
CA PRO B 95 -6.69 -8.55 11.35
C PRO B 95 -8.14 -8.43 11.81
N SER B 96 -8.77 -9.55 12.16
CA SER B 96 -10.14 -9.54 12.63
C SER B 96 -10.27 -10.40 13.87
N VAL B 97 -10.91 -9.86 14.90
CA VAL B 97 -11.16 -10.59 16.14
C VAL B 97 -12.63 -11.02 16.06
N GLY B 98 -12.86 -12.18 15.46
CA GLY B 98 -14.22 -12.56 15.18
C GLY B 98 -14.77 -13.67 16.05
N ARG B 99 -13.92 -14.62 16.41
CA ARG B 99 -14.34 -15.81 17.13
C ARG B 99 -14.31 -15.58 18.63
N SER B 100 -15.22 -16.26 19.34
CA SER B 100 -15.27 -16.11 20.79
C SER B 100 -13.98 -16.62 21.45
N GLU B 101 -13.39 -17.70 20.93
CA GLU B 101 -12.17 -18.19 21.56
C GLU B 101 -10.98 -17.25 21.34
N HIS B 102 -11.06 -16.30 20.40
CA HIS B 102 -10.03 -15.27 20.31
C HIS B 102 -9.93 -14.51 21.62
N LEU B 103 -11.07 -14.10 22.17
CA LEU B 103 -11.07 -13.35 23.41
C LEU B 103 -10.93 -14.26 24.64
N ASP B 104 -11.33 -15.53 24.54
CA ASP B 104 -10.99 -16.49 25.59
C ASP B 104 -9.48 -16.49 25.89
N LEU B 105 -8.64 -16.20 24.88
CA LEU B 105 -7.20 -16.18 25.12
C LEU B 105 -6.86 -15.21 26.23
N PHE B 106 -7.53 -14.06 26.25
CA PHE B 106 -7.23 -13.03 27.25
C PHE B 106 -7.88 -13.34 28.59
N GLU B 107 -9.14 -13.79 28.54
CA GLU B 107 -9.84 -14.22 29.76
C GLU B 107 -9.07 -15.31 30.50
N LYS B 108 -8.46 -16.25 29.79
CA LYS B 108 -7.73 -17.34 30.43
C LYS B 108 -6.28 -17.01 30.73
N GLY B 109 -5.82 -15.81 30.38
CA GLY B 109 -4.45 -15.44 30.66
C GLY B 109 -3.41 -16.05 29.75
N ILE B 110 -3.80 -16.51 28.56
CA ILE B 110 -2.83 -16.97 27.57
C ILE B 110 -2.25 -15.79 26.82
N ALA B 111 -3.09 -14.82 26.45
CA ALA B 111 -2.69 -13.62 25.76
C ALA B 111 -2.93 -12.39 26.63
N ARG B 112 -2.13 -11.34 26.42
CA ARG B 112 -2.35 -10.10 27.15
C ARG B 112 -2.49 -8.90 26.20
N LYS B 113 -1.57 -8.73 25.26
CA LYS B 113 -1.63 -7.60 24.33
C LYS B 113 -2.38 -7.97 23.06
N LEU B 114 -3.01 -6.96 22.45
CA LEU B 114 -3.75 -7.15 21.20
C LEU B 114 -3.53 -5.95 20.27
N ASP B 115 -3.08 -6.23 19.05
CA ASP B 115 -3.19 -5.28 17.93
C ASP B 115 -4.12 -5.90 16.90
N PHE B 116 -5.10 -5.12 16.44
CA PHE B 116 -6.14 -5.68 15.57
C PHE B 116 -6.68 -4.60 14.66
N SER B 117 -7.45 -5.03 13.66
CA SER B 117 -8.11 -4.10 12.76
C SER B 117 -9.63 -4.11 12.86
N PHE B 118 -10.26 -5.28 12.79
CA PHE B 118 -11.72 -5.38 12.75
C PHE B 118 -12.22 -6.15 13.96
N ALA B 119 -13.38 -5.77 14.49
CA ALA B 119 -13.83 -6.42 15.71
C ALA B 119 -15.19 -7.11 15.59
N GLY B 120 -16.17 -6.49 14.96
CA GLY B 120 -17.47 -7.10 14.78
C GLY B 120 -18.22 -7.36 16.07
N PRO B 121 -18.71 -8.60 16.22
CA PRO B 121 -19.55 -8.91 17.40
C PRO B 121 -18.76 -9.04 18.70
N GLN B 122 -17.45 -9.23 18.62
CA GLN B 122 -16.65 -9.29 19.84
C GLN B 122 -16.34 -7.91 20.43
N SER B 123 -16.83 -6.83 19.79
CA SER B 123 -16.49 -5.49 20.24
C SER B 123 -16.95 -5.24 21.67
N LEU B 124 -18.13 -5.77 22.06
CA LEU B 124 -18.61 -5.59 23.43
C LEU B 124 -17.68 -6.28 24.42
N ARG B 125 -17.23 -7.48 24.09
CA ARG B 125 -16.34 -8.22 24.97
C ARG B 125 -14.93 -7.62 24.99
N ILE B 126 -14.49 -7.03 23.88
CA ILE B 126 -13.19 -6.35 23.89
C ILE B 126 -13.19 -5.26 24.96
N SER B 127 -14.21 -4.41 24.96
CA SER B 127 -14.28 -3.34 25.95
C SER B 127 -14.37 -3.90 27.36
N GLN B 128 -15.10 -5.01 27.53
CA GLN B 128 -15.24 -5.60 28.86
C GLN B 128 -13.91 -6.13 29.38
N LEU B 129 -13.14 -6.80 28.51
CA LEU B 129 -11.84 -7.32 28.93
C LEU B 129 -10.82 -6.20 29.17
N ILE B 130 -10.93 -5.08 28.44
CA ILE B 130 -10.08 -3.94 28.73
C ILE B 130 -10.37 -3.41 30.13
N GLU B 131 -11.65 -3.17 30.43
CA GLU B 131 -12.02 -2.68 31.75
C GLU B 131 -11.56 -3.66 32.84
N ASP B 132 -11.63 -4.96 32.57
CA ASP B 132 -11.25 -5.94 33.57
C ASP B 132 -9.75 -6.09 33.73
N GLY B 133 -8.94 -5.45 32.89
CA GLY B 133 -7.50 -5.52 33.00
C GLY B 133 -6.87 -6.74 32.37
N LEU B 134 -7.60 -7.48 31.55
CA LEU B 134 -7.11 -8.72 30.97
C LEU B 134 -6.67 -8.57 29.52
N LEU B 135 -6.97 -7.43 28.89
CA LEU B 135 -6.62 -7.18 27.50
C LEU B 135 -6.04 -5.78 27.42
N GLU B 136 -4.80 -5.68 26.96
CA GLU B 136 -4.13 -4.38 26.78
C GLU B 136 -4.11 -4.07 25.28
N ILE B 137 -4.82 -3.02 24.88
CA ILE B 137 -4.90 -2.70 23.45
C ILE B 137 -3.62 -1.99 23.01
N GLY B 138 -3.01 -2.49 21.95
CA GLY B 138 -1.97 -1.73 21.28
C GLY B 138 -2.60 -0.57 20.55
N ALA B 139 -3.05 -0.82 19.33
CA ALA B 139 -3.80 0.16 18.55
C ALA B 139 -4.79 -0.56 17.67
N ILE B 140 -5.80 0.18 17.20
CA ILE B 140 -6.69 -0.30 16.16
C ILE B 140 -6.15 0.20 14.83
N HIS B 141 -6.09 -0.68 13.84
CA HIS B 141 -5.48 -0.42 12.54
C HIS B 141 -6.50 -0.58 11.44
N THR B 142 -6.24 0.01 10.28
CA THR B 142 -6.86 -0.52 9.07
C THR B 142 -6.03 -1.72 8.57
N TYR B 143 -6.66 -2.61 7.80
CA TYR B 143 -6.03 -3.90 7.52
C TYR B 143 -4.59 -3.77 6.99
N ILE B 144 -4.39 -3.00 5.92
CA ILE B 144 -3.05 -3.06 5.31
C ILE B 144 -2.04 -2.30 6.13
N GLU B 145 -2.51 -1.37 6.96
CA GLU B 145 -1.64 -0.74 7.94
C GLU B 145 -1.10 -1.77 8.93
N LEU B 146 -1.96 -2.69 9.36
CA LEU B 146 -1.50 -3.73 10.28
C LEU B 146 -0.51 -4.65 9.58
N TYR B 147 -0.78 -5.05 8.33
CA TYR B 147 0.18 -5.89 7.61
C TYR B 147 1.53 -5.20 7.46
N SER B 148 1.51 -3.86 7.28
CA SER B 148 2.75 -3.13 7.04
CA SER B 148 2.76 -3.15 7.04
C SER B 148 3.65 -3.14 8.26
N ARG B 149 3.06 -3.16 9.45
CA ARG B 149 3.85 -3.17 10.68
C ARG B 149 4.57 -4.50 10.88
N LEU B 150 4.19 -5.55 10.18
CA LEU B 150 4.82 -6.85 10.36
C LEU B 150 6.27 -6.90 9.88
N VAL B 151 6.73 -5.89 9.13
CA VAL B 151 8.14 -5.83 8.74
C VAL B 151 8.86 -4.66 9.39
N VAL B 152 8.23 -3.98 10.36
CA VAL B 152 8.85 -2.84 11.04
C VAL B 152 8.90 -3.07 12.55
N ASP B 153 7.77 -2.88 13.26
CA ASP B 153 7.79 -2.94 14.72
C ASP B 153 6.86 -3.98 15.33
N LEU B 154 6.20 -4.80 14.51
CA LEU B 154 5.40 -5.93 14.96
C LEU B 154 5.80 -7.18 14.17
N ILE B 155 7.11 -7.42 14.09
CA ILE B 155 7.61 -8.55 13.30
C ILE B 155 7.15 -9.82 14.00
N PRO B 156 6.40 -10.69 13.34
CA PRO B 156 5.75 -11.78 14.08
C PRO B 156 6.71 -12.93 14.39
N ASN B 157 6.54 -13.50 15.57
CA ASN B 157 7.27 -14.70 15.95
C ASN B 157 6.59 -15.98 15.46
N VAL B 158 5.26 -15.96 15.38
CA VAL B 158 4.46 -17.13 15.02
C VAL B 158 3.31 -16.64 14.16
N VAL B 159 2.98 -17.40 13.12
CA VAL B 159 1.79 -17.13 12.31
C VAL B 159 0.95 -18.39 12.24
N LEU B 160 -0.34 -18.28 12.57
CA LEU B 160 -1.29 -19.40 12.59
C LEU B 160 -2.34 -19.11 11.52
N SER B 161 -2.33 -19.90 10.43
CA SER B 161 -3.08 -19.59 9.22
C SER B 161 -3.88 -20.81 8.80
N ALA B 162 -4.70 -20.62 7.75
CA ALA B 162 -5.54 -21.69 7.26
C ALA B 162 -5.50 -21.71 5.74
N GLY B 163 -5.62 -22.92 5.18
CA GLY B 163 -5.75 -23.09 3.74
C GLY B 163 -6.65 -24.26 3.47
N PHE B 164 -6.97 -24.46 2.19
CA PHE B 164 -7.80 -25.60 1.81
C PHE B 164 -7.02 -26.91 1.86
N MET B 165 -5.82 -26.91 1.29
CA MET B 165 -5.08 -28.14 1.05
CA MET B 165 -5.08 -28.13 1.04
C MET B 165 -3.60 -27.87 1.21
N ALA B 166 -2.88 -28.86 1.73
CA ALA B 166 -1.43 -28.86 1.76
C ALA B 166 -0.94 -30.19 1.19
N ASP B 167 0.25 -30.17 0.59
CA ASP B 167 0.95 -31.42 0.34
C ASP B 167 1.87 -31.71 1.52
N ARG B 168 2.56 -32.85 1.49
CA ARG B 168 3.39 -33.25 2.60
CA ARG B 168 3.37 -33.23 2.63
C ARG B 168 4.69 -32.46 2.70
N GLN B 169 4.98 -31.60 1.73
CA GLN B 169 6.09 -30.65 1.83
C GLN B 169 5.69 -29.36 2.53
N GLY B 170 4.40 -29.08 2.67
CA GLY B 170 3.96 -27.81 3.20
C GLY B 170 3.58 -26.76 2.16
N ASN B 171 3.52 -27.12 0.89
CA ASN B 171 2.89 -26.23 -0.10
C ASN B 171 1.41 -26.11 0.24
N ILE B 172 0.87 -24.89 0.11
CA ILE B 172 -0.50 -24.61 0.53
C ILE B 172 -1.31 -24.11 -0.65
N TYR B 173 -2.50 -24.65 -0.81
CA TYR B 173 -3.51 -24.07 -1.68
C TYR B 173 -4.51 -23.32 -0.80
N THR B 174 -4.61 -22.00 -0.97
CA THR B 174 -5.59 -21.19 -0.25
C THR B 174 -6.77 -20.78 -1.11
N GLY B 175 -6.61 -20.76 -2.43
CA GLY B 175 -7.72 -20.62 -3.36
C GLY B 175 -8.52 -19.35 -3.24
N PRO B 176 -9.84 -19.47 -3.37
CA PRO B 176 -10.69 -18.27 -3.26
C PRO B 176 -10.55 -17.55 -1.93
N SER B 177 -10.13 -18.24 -0.88
CA SER B 177 -10.01 -17.66 0.45
C SER B 177 -8.56 -17.33 0.80
N THR B 178 -7.74 -17.00 -0.21
CA THR B 178 -6.37 -16.57 0.06
C THR B 178 -6.34 -15.40 1.05
N GLU B 179 -7.18 -14.39 0.83
CA GLU B 179 -7.36 -13.24 1.72
C GLU B 179 -6.05 -12.63 2.20
N ASP B 180 -5.83 -12.61 3.53
CA ASP B 180 -4.65 -11.99 4.12
C ASP B 180 -3.41 -12.89 4.12
N SER B 181 -3.56 -14.18 3.85
CA SER B 181 -2.52 -15.12 4.24
C SER B 181 -1.15 -14.81 3.68
N PRO B 182 -0.99 -14.45 2.40
CA PRO B 182 0.37 -14.17 1.90
C PRO B 182 1.02 -12.99 2.59
N ALA B 183 0.26 -11.96 2.97
CA ALA B 183 0.85 -10.79 3.63
C ALA B 183 1.19 -11.09 5.08
N LEU B 184 0.46 -12.03 5.71
CA LEU B 184 0.75 -12.42 7.09
C LEU B 184 1.94 -13.36 7.16
N ILE B 185 2.06 -14.26 6.18
CA ILE B 185 3.05 -15.32 6.31
C ILE B 185 4.45 -14.86 5.95
N GLU B 186 4.59 -14.11 4.86
CA GLU B 186 5.92 -13.74 4.38
C GLU B 186 6.78 -13.08 5.46
N PRO B 187 6.28 -12.13 6.27
CA PRO B 187 7.18 -11.53 7.28
C PRO B 187 7.76 -12.53 8.25
N ALA B 188 6.99 -13.54 8.66
CA ALA B 188 7.54 -14.56 9.55
C ALA B 188 8.46 -15.53 8.82
N ALA B 189 8.07 -15.93 7.60
CA ALA B 189 8.83 -16.90 6.85
C ALA B 189 10.25 -16.42 6.59
N PHE B 190 10.46 -15.11 6.58
CA PHE B 190 11.78 -14.57 6.28
C PHE B 190 12.41 -13.86 7.48
N SER B 191 11.97 -14.17 8.70
CA SER B 191 12.62 -13.64 9.89
C SER B 191 12.78 -14.71 10.96
N ASP B 192 12.81 -15.98 10.56
CA ASP B 192 12.87 -17.11 11.49
C ASP B 192 11.73 -17.07 12.50
N GLY B 193 10.56 -16.59 12.05
CA GLY B 193 9.32 -16.90 12.70
C GLY B 193 8.89 -18.31 12.39
N ILE B 194 7.81 -18.75 13.03
CA ILE B 194 7.32 -20.11 12.84
C ILE B 194 5.93 -20.03 12.28
N VAL B 195 5.71 -20.68 11.13
CA VAL B 195 4.45 -20.62 10.39
C VAL B 195 3.77 -22.00 10.47
N ILE B 196 2.56 -22.04 11.01
CA ILE B 196 1.75 -23.25 11.11
C ILE B 196 0.46 -23.04 10.33
N VAL B 197 0.16 -23.95 9.41
CA VAL B 197 -1.03 -23.82 8.56
C VAL B 197 -1.96 -25.01 8.78
N GLN B 198 -3.19 -24.74 9.26
CA GLN B 198 -4.19 -25.80 9.26
C GLN B 198 -4.79 -25.92 7.87
N VAL B 199 -5.03 -27.15 7.40
CA VAL B 199 -5.60 -27.34 6.07
C VAL B 199 -6.79 -28.29 6.16
N ASN B 200 -7.75 -28.10 5.25
CA ASN B 200 -8.91 -28.99 5.25
C ASN B 200 -8.51 -30.41 4.84
N GLU B 201 -7.59 -30.54 3.89
CA GLU B 201 -7.18 -31.83 3.34
C GLU B 201 -5.67 -31.85 3.13
N LEU B 202 -5.09 -33.05 3.28
CA LEU B 202 -3.68 -33.28 3.00
C LEU B 202 -3.56 -34.19 1.78
N VAL B 203 -2.72 -33.80 0.81
CA VAL B 203 -2.40 -34.64 -0.33
C VAL B 203 -0.91 -34.96 -0.31
N ASP B 204 -0.53 -35.94 -1.14
CA ASP B 204 0.86 -36.38 -1.12
C ASP B 204 1.78 -35.41 -1.86
N ASP B 205 1.50 -35.19 -3.13
CA ASP B 205 2.42 -34.48 -4.00
C ASP B 205 1.85 -33.12 -4.40
N VAL B 206 2.76 -32.20 -4.73
CA VAL B 206 2.37 -30.85 -5.11
C VAL B 206 1.44 -30.87 -6.33
N SER B 207 1.58 -31.87 -7.20
CA SER B 207 0.75 -31.94 -8.38
C SER B 207 -0.72 -32.19 -8.06
N GLU B 208 -1.04 -32.63 -6.83
CA GLU B 208 -2.42 -32.85 -6.42
C GLU B 208 -3.07 -31.60 -5.84
N LEU B 209 -2.33 -30.50 -5.75
CA LEU B 209 -2.90 -29.21 -5.38
C LEU B 209 -3.46 -28.55 -6.63
N PRO B 210 -4.58 -27.82 -6.53
CA PRO B 210 -5.01 -27.07 -7.72
C PRO B 210 -3.94 -26.11 -8.19
N ARG B 211 -3.25 -25.48 -7.24
CA ARG B 211 -2.10 -24.60 -7.47
C ARG B 211 -1.45 -24.39 -6.12
N VAL B 212 -0.26 -23.80 -6.15
CA VAL B 212 0.48 -23.41 -4.95
C VAL B 212 0.24 -21.92 -4.74
N ASP B 213 -0.39 -21.57 -3.61
CA ASP B 213 -0.54 -20.18 -3.18
C ASP B 213 0.52 -19.75 -2.19
N ILE B 214 0.93 -20.66 -1.31
CA ILE B 214 1.99 -20.41 -0.33
C ILE B 214 3.02 -21.52 -0.51
N PRO B 215 4.26 -21.20 -0.87
CA PRO B 215 5.24 -22.28 -1.12
C PRO B 215 5.76 -22.89 0.17
N ALA B 216 6.20 -24.15 0.05
CA ALA B 216 6.59 -24.95 1.20
C ALA B 216 7.71 -24.31 2.02
N SER B 217 8.60 -23.56 1.38
CA SER B 217 9.70 -22.99 2.14
C SER B 217 9.27 -21.83 3.04
N TRP B 218 8.03 -21.36 2.93
CA TRP B 218 7.48 -20.38 3.86
C TRP B 218 6.81 -21.01 5.08
N VAL B 219 6.59 -22.31 5.04
CA VAL B 219 5.71 -23.00 5.98
C VAL B 219 6.55 -23.96 6.82
N ASP B 220 6.37 -23.91 8.13
CA ASP B 220 7.11 -24.86 8.97
C ASP B 220 6.33 -26.14 9.23
N TYR B 221 5.05 -26.03 9.54
CA TYR B 221 4.23 -27.19 9.83
C TYR B 221 2.85 -27.01 9.24
N VAL B 222 2.21 -28.12 8.90
CA VAL B 222 0.80 -28.15 8.56
C VAL B 222 0.10 -29.12 9.50
N VAL B 223 -1.22 -28.95 9.62
CA VAL B 223 -2.06 -29.86 10.40
C VAL B 223 -3.41 -29.97 9.71
N VAL B 224 -3.93 -31.19 9.62
CA VAL B 224 -5.28 -31.37 9.09
C VAL B 224 -6.27 -30.99 10.18
N ALA B 225 -7.11 -29.99 9.90
CA ALA B 225 -8.05 -29.51 10.90
C ALA B 225 -9.08 -30.59 11.22
N ASP B 226 -9.65 -30.50 12.42
CA ASP B 226 -10.71 -31.43 12.79
C ASP B 226 -11.96 -31.24 11.94
N GLN B 227 -12.13 -30.06 11.36
CA GLN B 227 -13.23 -29.75 10.46
C GLN B 227 -12.80 -28.59 9.58
N PRO B 228 -13.46 -28.41 8.42
CA PRO B 228 -13.04 -27.36 7.48
C PRO B 228 -12.96 -25.99 8.16
N PHE B 229 -12.04 -25.15 7.69
CA PHE B 229 -11.92 -23.84 8.33
C PHE B 229 -13.24 -23.07 8.26
N TYR B 230 -13.48 -22.29 9.29
CA TYR B 230 -14.73 -21.57 9.46
C TYR B 230 -14.80 -20.30 8.62
N ILE B 231 -15.96 -20.07 8.00
CA ILE B 231 -16.27 -18.83 7.31
C ILE B 231 -17.72 -18.46 7.62
N GLU B 232 -17.99 -17.13 7.78
CA GLU B 232 -19.35 -16.62 7.94
C GLU B 232 -19.83 -15.90 6.68
N PRO B 233 -21.15 -15.90 6.42
CA PRO B 233 -21.71 -15.15 5.28
C PRO B 233 -21.78 -13.65 5.55
N ARG B 237 -25.97 -10.04 2.15
CA ARG B 237 -27.09 -9.11 2.24
C ARG B 237 -28.29 -9.62 1.43
N ASP B 238 -29.21 -10.30 2.11
CA ASP B 238 -30.45 -10.78 1.48
C ASP B 238 -31.18 -9.60 0.85
N PRO B 239 -31.43 -9.60 -0.47
CA PRO B 239 -32.12 -8.46 -1.07
C PRO B 239 -33.48 -8.20 -0.50
N LYS B 240 -34.12 -9.18 0.13
CA LYS B 240 -35.45 -8.93 0.67
C LYS B 240 -35.43 -7.90 1.79
N HIS B 241 -34.27 -7.59 2.35
CA HIS B 241 -34.15 -6.59 3.41
C HIS B 241 -33.79 -5.20 2.90
N ILE B 242 -33.65 -5.02 1.59
CA ILE B 242 -33.44 -3.69 1.03
C ILE B 242 -34.74 -2.90 1.12
N LYS B 243 -34.67 -1.69 1.65
CA LYS B 243 -35.87 -0.90 1.86
C LYS B 243 -36.00 0.18 0.80
N PRO B 244 -37.18 0.80 0.67
CA PRO B 244 -37.29 1.92 -0.30
C PRO B 244 -36.31 3.06 -0.03
N VAL B 245 -36.01 3.39 1.23
CA VAL B 245 -35.08 4.49 1.48
C VAL B 245 -33.68 4.17 0.97
N HIS B 246 -33.31 2.88 1.00
CA HIS B 246 -32.04 2.47 0.40
C HIS B 246 -32.04 2.71 -1.11
N VAL B 247 -33.17 2.39 -1.75
CA VAL B 247 -33.31 2.62 -3.19
C VAL B 247 -33.26 4.11 -3.50
N LEU B 248 -33.88 4.93 -2.65
CA LEU B 248 -33.83 6.38 -2.84
C LEU B 248 -32.40 6.89 -2.77
N MET B 249 -31.66 6.52 -1.72
CA MET B 249 -30.28 6.98 -1.61
C MET B 249 -29.42 6.42 -2.74
N ALA B 250 -29.69 5.18 -3.17
CA ALA B 250 -28.91 4.59 -4.26
C ALA B 250 -29.14 5.36 -5.57
N MET B 251 -30.38 5.75 -5.85
CA MET B 251 -30.64 6.59 -7.02
C MET B 251 -29.86 7.89 -6.94
N MET B 252 -29.83 8.53 -5.77
CA MET B 252 -29.10 9.78 -5.63
C MET B 252 -27.60 9.57 -5.81
N ALA B 253 -27.06 8.46 -5.30
CA ALA B 253 -25.64 8.18 -5.52
C ALA B 253 -25.34 8.03 -7.00
N ILE B 254 -26.16 7.28 -7.73
CA ILE B 254 -25.87 7.03 -9.14
C ILE B 254 -25.99 8.32 -9.94
N ARG B 255 -27.11 9.03 -9.76
CA ARG B 255 -27.35 10.24 -10.54
C ARG B 255 -26.45 11.38 -10.08
N GLY B 256 -26.43 11.62 -8.77
CA GLY B 256 -25.73 12.78 -8.22
C GLY B 256 -24.25 12.62 -7.95
N ILE B 257 -23.69 11.42 -8.05
CA ILE B 257 -22.26 11.24 -7.79
C ILE B 257 -21.61 10.47 -8.92
N TYR B 258 -22.08 9.24 -9.18
CA TYR B 258 -21.39 8.39 -10.16
C TYR B 258 -21.45 9.03 -11.54
N GLU B 259 -22.66 9.38 -11.99
CA GLU B 259 -22.78 10.02 -13.29
C GLU B 259 -22.14 11.39 -13.30
N LYS B 260 -22.38 12.18 -12.23
CA LYS B 260 -21.92 13.56 -12.20
C LYS B 260 -20.42 13.65 -12.40
N HIS B 261 -19.67 12.77 -11.75
CA HIS B 261 -18.22 12.81 -11.75
C HIS B 261 -17.60 11.76 -12.66
N ASN B 262 -18.41 11.02 -13.39
CA ASN B 262 -17.92 10.01 -14.34
C ASN B 262 -17.06 8.95 -13.65
N VAL B 263 -17.62 8.35 -12.59
CA VAL B 263 -16.89 7.37 -11.80
C VAL B 263 -16.74 6.08 -12.60
N GLN B 264 -15.48 5.68 -12.85
CA GLN B 264 -15.19 4.45 -13.59
C GLN B 264 -14.89 3.26 -12.69
N SER B 265 -14.30 3.50 -11.52
CA SER B 265 -13.78 2.43 -10.68
C SER B 265 -14.10 2.77 -9.24
N LEU B 266 -14.33 1.75 -8.41
CA LEU B 266 -14.86 2.03 -7.08
C LEU B 266 -14.80 0.81 -6.17
N ASN B 267 -14.98 1.08 -4.88
CA ASN B 267 -15.28 0.11 -3.84
C ASN B 267 -16.58 0.49 -3.15
N HIS B 268 -17.41 -0.50 -2.85
CA HIS B 268 -18.61 -0.35 -2.02
C HIS B 268 -18.32 -0.95 -0.66
N GLY B 269 -18.49 -0.17 0.41
CA GLY B 269 -18.59 -0.76 1.73
C GLY B 269 -19.88 -1.57 1.82
N ILE B 270 -19.82 -2.72 2.49
CA ILE B 270 -20.94 -3.64 2.48
C ILE B 270 -22.08 -3.09 3.33
N GLY B 271 -23.27 -3.10 2.76
CA GLY B 271 -24.47 -2.69 3.48
C GLY B 271 -25.63 -2.74 2.53
N PHE B 272 -26.84 -2.63 3.09
CA PHE B 272 -28.02 -2.58 2.23
C PHE B 272 -28.01 -1.34 1.36
N ASN B 273 -27.43 -0.25 1.85
CA ASN B 273 -27.34 0.98 1.07
C ASN B 273 -26.59 0.75 -0.24
N THR B 274 -25.41 0.15 -0.18
CA THR B 274 -24.65 -0.07 -1.41
C THR B 274 -25.18 -1.25 -2.21
N ALA B 275 -25.79 -2.25 -1.55
CA ALA B 275 -26.41 -3.34 -2.29
C ALA B 275 -27.52 -2.81 -3.20
N ALA B 276 -28.25 -1.80 -2.73
CA ALA B 276 -29.29 -1.19 -3.55
C ALA B 276 -28.69 -0.54 -4.78
N ILE B 277 -27.54 0.13 -4.63
CA ILE B 277 -26.82 0.68 -5.78
C ILE B 277 -26.52 -0.42 -6.80
N GLU B 278 -25.88 -1.49 -6.32
CA GLU B 278 -25.52 -2.60 -7.20
C GLU B 278 -26.75 -3.13 -7.94
N LEU B 279 -27.87 -3.25 -7.23
CA LEU B 279 -29.04 -3.89 -7.82
C LEU B 279 -29.89 -2.96 -8.69
N ILE B 280 -29.70 -1.64 -8.65
CA ILE B 280 -30.44 -0.78 -9.56
C ILE B 280 -29.56 -0.21 -10.67
N LEU B 281 -28.27 -0.54 -10.70
CA LEU B 281 -27.49 -0.24 -11.90
C LEU B 281 -28.15 -0.78 -13.16
N PRO B 282 -28.58 -2.05 -13.23
CA PRO B 282 -29.14 -2.55 -14.50
C PRO B 282 -30.53 -2.04 -14.81
N THR B 283 -31.20 -1.40 -13.86
CA THR B 283 -32.56 -0.88 -14.08
C THR B 283 -32.52 0.64 -14.16
N TYR B 284 -32.34 1.31 -13.02
CA TYR B 284 -32.24 2.76 -12.99
C TYR B 284 -31.04 3.27 -13.80
N GLY B 285 -29.87 2.67 -13.59
CA GLY B 285 -28.70 3.11 -14.34
C GLY B 285 -28.89 2.93 -15.84
N GLU B 286 -29.53 1.84 -16.23
CA GLU B 286 -29.83 1.63 -17.64
C GLU B 286 -30.81 2.68 -18.15
N SER B 287 -31.77 3.08 -17.32
CA SER B 287 -32.71 4.11 -17.76
C SER B 287 -32.01 5.44 -18.00
N LEU B 288 -30.88 5.66 -17.34
CA LEU B 288 -30.09 6.86 -17.54
C LEU B 288 -29.09 6.72 -18.69
N GLY B 289 -29.02 5.56 -19.33
CA GLY B 289 -28.14 5.36 -20.47
C GLY B 289 -26.68 5.15 -20.12
N LEU B 290 -26.38 4.64 -18.93
CA LEU B 290 -25.04 4.72 -18.38
C LEU B 290 -24.23 3.43 -18.48
N LYS B 291 -24.78 2.35 -19.05
CA LYS B 291 -24.02 1.11 -19.14
C LYS B 291 -22.72 1.33 -19.89
N GLY B 292 -21.62 0.85 -19.32
CA GLY B 292 -20.31 1.07 -19.91
C GLY B 292 -19.71 2.42 -19.65
N LYS B 293 -20.46 3.38 -19.12
CA LYS B 293 -19.95 4.71 -18.89
C LYS B 293 -19.49 4.95 -17.47
N ILE B 294 -19.97 4.14 -16.52
CA ILE B 294 -19.61 4.25 -15.12
C ILE B 294 -19.49 2.85 -14.56
N CYS B 295 -18.73 2.72 -13.46
CA CYS B 295 -18.71 1.53 -12.62
C CYS B 295 -18.25 0.30 -13.39
N ARG B 296 -17.16 0.46 -14.14
CA ARG B 296 -16.63 -0.66 -14.91
C ARG B 296 -15.68 -1.56 -14.12
N ASN B 297 -14.85 -0.98 -13.25
CA ASN B 297 -13.77 -1.73 -12.60
C ASN B 297 -13.92 -1.63 -11.09
N TRP B 298 -13.86 -2.76 -10.41
CA TRP B 298 -14.23 -2.84 -9.01
C TRP B 298 -13.13 -3.48 -8.17
N THR B 299 -12.97 -2.96 -6.96
CA THR B 299 -12.29 -3.68 -5.89
C THR B 299 -13.41 -4.09 -4.94
N LEU B 300 -13.70 -5.40 -4.90
CA LEU B 300 -14.92 -5.86 -4.25
C LEU B 300 -14.89 -7.37 -4.09
N ASN B 301 -15.47 -7.86 -2.98
CA ASN B 301 -15.78 -9.27 -2.86
CA ASN B 301 -15.74 -9.28 -2.90
C ASN B 301 -16.78 -9.65 -3.95
N PRO B 302 -16.94 -10.94 -4.25
CA PRO B 302 -17.97 -11.29 -5.25
C PRO B 302 -19.36 -11.27 -4.63
N HIS B 303 -19.88 -10.05 -4.44
CA HIS B 303 -21.21 -9.89 -3.86
C HIS B 303 -22.25 -10.60 -4.73
N PRO B 304 -23.10 -11.45 -4.17
CA PRO B 304 -24.24 -11.93 -4.95
C PRO B 304 -25.08 -10.81 -5.54
N THR B 305 -25.19 -9.67 -4.85
CA THR B 305 -25.99 -8.56 -5.33
C THR B 305 -25.39 -7.88 -6.56
N LEU B 306 -24.15 -8.20 -6.92
CA LEU B 306 -23.54 -7.70 -8.16
C LEU B 306 -23.83 -8.59 -9.36
N ILE B 307 -24.44 -9.76 -9.15
CA ILE B 307 -24.68 -10.69 -10.25
C ILE B 307 -25.45 -10.02 -11.40
N PRO B 308 -26.57 -9.33 -11.16
CA PRO B 308 -27.26 -8.71 -12.32
C PRO B 308 -26.39 -7.69 -13.05
N ALA B 309 -25.61 -6.88 -12.35
CA ALA B 309 -24.77 -5.92 -13.05
C ALA B 309 -23.69 -6.61 -13.87
N ILE B 310 -23.23 -7.79 -13.44
CA ILE B 310 -22.26 -8.54 -14.25
C ILE B 310 -22.95 -9.13 -15.48
N GLU B 311 -24.08 -9.79 -15.28
CA GLU B 311 -24.76 -10.48 -16.37
C GLU B 311 -25.19 -9.53 -17.47
N THR B 312 -25.54 -8.29 -17.11
CA THR B 312 -26.02 -7.33 -18.09
C THR B 312 -24.90 -6.50 -18.70
N GLY B 313 -23.65 -6.76 -18.33
CA GLY B 313 -22.51 -6.16 -19.01
C GLY B 313 -21.93 -4.89 -18.42
N TRP B 314 -22.35 -4.50 -17.22
CA TRP B 314 -21.81 -3.29 -16.59
C TRP B 314 -20.41 -3.52 -16.06
N VAL B 315 -20.14 -4.71 -15.54
CA VAL B 315 -18.96 -4.96 -14.72
C VAL B 315 -17.90 -5.59 -15.61
N GLU B 316 -16.82 -4.86 -15.86
CA GLU B 316 -15.76 -5.39 -16.70
C GLU B 316 -14.71 -6.16 -15.90
N SER B 317 -14.45 -5.76 -14.65
CA SER B 317 -13.42 -6.43 -13.85
C SER B 317 -13.75 -6.30 -12.37
N VAL B 318 -13.45 -7.35 -11.61
CA VAL B 318 -13.53 -7.33 -10.15
C VAL B 318 -12.27 -7.99 -9.61
N HIS B 319 -11.54 -7.27 -8.76
CA HIS B 319 -10.49 -7.85 -7.93
C HIS B 319 -11.00 -7.94 -6.49
N CYS B 320 -10.68 -9.03 -5.79
CA CYS B 320 -11.42 -9.40 -4.58
C CYS B 320 -10.51 -9.48 -3.36
N PHE B 321 -11.03 -9.01 -2.21
CA PHE B 321 -10.35 -9.17 -0.93
C PHE B 321 -10.44 -10.62 -0.43
N GLY B 322 -11.59 -11.25 -0.64
CA GLY B 322 -11.87 -12.60 -0.22
C GLY B 322 -12.89 -13.18 -1.15
N THR B 323 -13.58 -14.24 -0.71
CA THR B 323 -14.65 -14.75 -1.57
C THR B 323 -16.01 -14.42 -0.93
N GLU B 324 -17.04 -15.14 -1.34
CA GLU B 324 -18.34 -15.07 -0.69
C GLU B 324 -18.98 -16.45 -0.81
N LEU B 325 -19.65 -16.90 0.25
CA LEU B 325 -20.19 -18.26 0.25
C LEU B 325 -21.21 -18.46 -0.86
N GLY B 326 -21.12 -19.61 -1.51
CA GLY B 326 -22.01 -19.96 -2.59
C GLY B 326 -21.64 -19.38 -3.94
N MET B 327 -20.60 -18.57 -4.01
CA MET B 327 -20.27 -17.85 -5.23
C MET B 327 -19.10 -18.46 -5.99
N GLU B 328 -18.57 -19.60 -5.55
CA GLU B 328 -17.34 -20.15 -6.15
C GLU B 328 -17.56 -20.59 -7.58
N LYS B 329 -18.70 -21.27 -7.85
CA LYS B 329 -18.94 -21.80 -9.19
C LYS B 329 -19.28 -20.68 -10.17
N TYR B 330 -19.99 -19.64 -9.69
CA TYR B 330 -20.26 -18.49 -10.54
C TYR B 330 -18.96 -17.74 -10.88
N VAL B 331 -18.09 -17.51 -9.89
CA VAL B 331 -16.84 -16.84 -10.17
C VAL B 331 -16.02 -17.63 -11.17
N ALA B 332 -15.92 -18.96 -10.97
CA ALA B 332 -15.16 -19.80 -11.90
C ALA B 332 -15.76 -19.80 -13.29
N ALA B 333 -17.06 -19.57 -13.40
CA ALA B 333 -17.73 -19.46 -14.69
C ALA B 333 -17.66 -18.08 -15.29
N ARG B 334 -17.04 -17.12 -14.61
CA ARG B 334 -16.92 -15.75 -15.13
C ARG B 334 -15.46 -15.30 -15.15
N PRO B 335 -14.55 -16.08 -15.74
CA PRO B 335 -13.11 -15.72 -15.66
C PRO B 335 -12.75 -14.45 -16.40
N ASP B 336 -13.55 -14.01 -17.39
CA ASP B 336 -13.29 -12.72 -18.03
C ASP B 336 -13.41 -11.55 -17.07
N VAL B 337 -14.19 -11.68 -16.01
CA VAL B 337 -14.44 -10.59 -15.06
C VAL B 337 -13.54 -10.69 -13.84
N PHE B 338 -13.41 -11.88 -13.27
CA PHE B 338 -12.69 -12.08 -12.02
C PHE B 338 -11.25 -12.52 -12.29
N PHE B 339 -10.45 -12.51 -11.23
CA PHE B 339 -9.08 -12.99 -11.27
C PHE B 339 -9.04 -14.44 -10.82
N THR B 340 -8.73 -15.35 -11.74
CA THR B 340 -8.78 -16.79 -11.48
C THR B 340 -7.48 -17.44 -11.98
N GLY B 341 -7.08 -18.51 -11.30
CA GLY B 341 -5.85 -19.19 -11.66
C GLY B 341 -6.02 -20.07 -12.87
N ARG B 342 -4.89 -20.59 -13.36
CA ARG B 342 -5.00 -21.54 -14.47
C ARG B 342 -5.76 -22.79 -14.04
N ASP B 343 -5.80 -23.08 -12.74
CA ASP B 343 -6.64 -24.15 -12.22
C ASP B 343 -8.13 -23.85 -12.32
N GLY B 344 -8.50 -22.57 -12.43
CA GLY B 344 -9.87 -22.13 -12.61
C GLY B 344 -10.44 -21.34 -11.46
N ALA B 345 -9.86 -21.40 -10.26
CA ALA B 345 -10.49 -20.86 -9.06
C ALA B 345 -10.02 -19.43 -8.77
N LEU B 346 -10.91 -18.67 -8.12
CA LEU B 346 -10.62 -17.31 -7.69
C LEU B 346 -9.31 -17.25 -6.90
N ARG B 347 -8.53 -16.18 -7.11
CA ARG B 347 -7.41 -15.83 -6.22
C ARG B 347 -7.73 -14.46 -5.63
N SER B 348 -8.20 -14.46 -4.39
CA SER B 348 -8.35 -13.22 -3.66
C SER B 348 -6.99 -12.81 -3.12
N ASN B 349 -6.88 -11.54 -2.74
CA ASN B 349 -5.63 -11.05 -2.19
C ASN B 349 -5.99 -9.76 -1.46
N ARG B 350 -6.15 -9.84 -0.12
CA ARG B 350 -6.70 -8.68 0.57
C ARG B 350 -5.71 -7.51 0.57
N MET B 351 -4.42 -7.79 0.72
CA MET B 351 -3.44 -6.69 0.68
CA MET B 351 -3.44 -6.70 0.69
C MET B 351 -3.46 -6.00 -0.67
N MET B 352 -3.40 -6.78 -1.76
CA MET B 352 -3.39 -6.21 -3.11
C MET B 352 -4.68 -5.46 -3.39
N CYS B 353 -5.82 -6.03 -2.98
CA CYS B 353 -7.10 -5.39 -3.25
C CYS B 353 -7.26 -4.10 -2.45
N GLN B 354 -6.86 -4.10 -1.17
CA GLN B 354 -6.92 -2.88 -0.39
C GLN B 354 -6.00 -1.81 -0.96
N LEU B 355 -4.85 -2.21 -1.51
CA LEU B 355 -3.93 -1.24 -2.08
C LEU B 355 -4.54 -0.58 -3.31
N ALA B 356 -5.16 -1.38 -4.18
CA ALA B 356 -5.89 -0.81 -5.30
C ALA B 356 -7.07 0.04 -4.82
N GLY B 357 -7.75 -0.39 -3.77
CA GLY B 357 -8.79 0.44 -3.16
C GLY B 357 -8.30 1.81 -2.76
N GLN B 358 -7.04 1.92 -2.32
CA GLN B 358 -6.47 3.21 -1.96
C GLN B 358 -6.00 4.01 -3.17
N TYR B 359 -5.22 3.39 -4.06
CA TYR B 359 -4.46 4.13 -5.06
C TYR B 359 -5.05 4.10 -6.46
N ALA B 360 -5.92 3.13 -6.77
CA ALA B 360 -6.30 2.89 -8.16
C ALA B 360 -7.76 3.12 -8.50
N VAL B 361 -8.65 3.29 -7.52
CA VAL B 361 -10.07 3.48 -7.84
C VAL B 361 -10.47 4.93 -7.59
N ASP B 362 -11.52 5.34 -8.30
CA ASP B 362 -11.99 6.72 -8.22
C ASP B 362 -12.68 7.01 -6.89
N LEU B 363 -13.33 6.02 -6.30
CA LEU B 363 -14.37 6.31 -5.31
C LEU B 363 -14.50 5.19 -4.30
N PHE B 364 -14.76 5.59 -3.05
CA PHE B 364 -15.24 4.72 -1.99
C PHE B 364 -16.55 5.28 -1.47
N ILE B 365 -17.48 4.39 -1.15
CA ILE B 365 -18.78 4.76 -0.57
C ILE B 365 -19.15 3.73 0.49
N GLY B 366 -19.53 4.22 1.67
CA GLY B 366 -19.86 3.36 2.78
C GLY B 366 -20.65 4.13 3.82
N ALA B 367 -20.73 3.57 5.03
CA ALA B 367 -21.52 4.16 6.10
C ALA B 367 -20.78 4.01 7.43
N THR B 368 -21.17 4.81 8.41
CA THR B 368 -20.78 4.59 9.79
C THR B 368 -22.00 4.76 10.68
N LEU B 369 -21.88 4.32 11.93
CA LEU B 369 -23.01 4.43 12.84
C LEU B 369 -23.22 5.87 13.30
N GLN B 370 -22.16 6.65 13.45
CA GLN B 370 -22.26 8.02 13.96
C GLN B 370 -21.44 8.95 13.09
N VAL B 371 -21.96 10.17 12.91
CA VAL B 371 -21.30 11.24 12.19
C VAL B 371 -21.51 12.51 12.99
N ASP B 372 -20.47 13.33 13.16
CA ASP B 372 -20.69 14.56 13.91
C ASP B 372 -20.80 15.75 12.96
N GLY B 373 -20.92 16.94 13.53
CA GLY B 373 -21.17 18.15 12.77
C GLY B 373 -20.04 18.58 11.85
N MET B 374 -18.85 18.00 12.03
CA MET B 374 -17.74 18.23 11.11
C MET B 374 -17.60 17.13 10.08
N GLY B 375 -18.41 16.08 10.16
CA GLY B 375 -18.28 14.96 9.27
C GLY B 375 -17.39 13.84 9.78
N HIS B 376 -16.76 14.02 10.95
CA HIS B 376 -16.03 12.91 11.57
C HIS B 376 -17.00 11.76 11.83
N SER B 377 -16.58 10.55 11.51
CA SER B 377 -17.48 9.41 11.49
CA SER B 377 -17.49 9.42 11.53
C SER B 377 -16.84 8.20 12.16
N SER B 378 -17.61 7.48 12.96
CA SER B 378 -17.11 6.31 13.67
C SER B 378 -18.22 5.30 13.85
N THR B 379 -17.84 4.04 14.06
CA THR B 379 -18.80 3.01 14.42
C THR B 379 -18.62 2.51 15.85
N VAL B 380 -17.59 3.00 16.54
CA VAL B 380 -17.45 2.76 17.97
C VAL B 380 -18.60 3.43 18.71
N THR B 381 -19.23 2.69 19.62
CA THR B 381 -20.23 3.25 20.51
C THR B 381 -19.86 2.88 21.94
N LYS B 382 -20.56 3.48 22.91
CA LYS B 382 -20.20 3.29 24.30
C LYS B 382 -20.21 1.81 24.67
N GLY B 383 -19.10 1.34 25.26
CA GLY B 383 -18.95 -0.04 25.66
C GLY B 383 -18.70 -1.03 24.54
N ARG B 384 -18.49 -0.55 23.30
CA ARG B 384 -18.31 -1.44 22.13
C ARG B 384 -17.16 -0.90 21.29
N LEU B 385 -15.96 -1.45 21.51
CA LEU B 385 -14.78 -0.97 20.80
C LEU B 385 -14.75 -1.62 19.41
N ALA B 386 -15.61 -1.11 18.54
CA ALA B 386 -15.63 -1.61 17.16
C ALA B 386 -14.31 -1.29 16.47
N GLY B 387 -13.99 -2.09 15.45
CA GLY B 387 -12.77 -1.92 14.69
C GLY B 387 -12.94 -1.08 13.43
N PHE B 388 -11.82 -0.88 12.74
CA PHE B 388 -11.80 -0.13 11.50
C PHE B 388 -11.97 -0.99 10.26
N GLY B 389 -11.44 -2.22 10.28
CA GLY B 389 -11.32 -3.00 9.06
C GLY B 389 -10.68 -2.18 7.95
N GLY B 390 -11.29 -2.21 6.77
CA GLY B 390 -10.74 -1.51 5.62
C GLY B 390 -11.11 -0.05 5.49
N ALA B 391 -12.04 0.45 6.29
CA ALA B 391 -12.63 1.75 5.98
C ALA B 391 -11.64 2.92 6.02
N PRO B 392 -10.71 3.04 6.98
CA PRO B 392 -9.75 4.16 6.88
C PRO B 392 -8.93 4.15 5.61
N ASN B 393 -8.46 2.97 5.18
CA ASN B 393 -7.66 2.89 3.97
C ASN B 393 -8.48 3.25 2.75
N MET B 394 -9.75 2.85 2.76
CA MET B 394 -10.65 3.18 1.67
C MET B 394 -11.16 4.60 1.75
N GLY B 395 -11.35 5.12 2.97
CA GLY B 395 -12.01 6.38 3.16
C GLY B 395 -11.10 7.55 3.49
N HIS B 396 -10.07 7.76 2.67
CA HIS B 396 -9.26 8.94 2.80
C HIS B 396 -8.76 9.37 1.42
N ASP B 397 -8.35 10.63 1.33
CA ASP B 397 -7.71 11.08 0.12
C ASP B 397 -6.25 10.64 0.11
N PRO B 398 -5.83 9.81 -0.84
CA PRO B 398 -4.45 9.28 -0.84
C PRO B 398 -3.47 10.32 -1.35
N ARG B 399 -2.69 10.90 -0.43
CA ARG B 399 -1.85 12.03 -0.78
C ARG B 399 -0.53 11.64 -1.43
N GLY B 400 -0.26 10.35 -1.58
CA GLY B 400 0.82 9.90 -2.45
C GLY B 400 0.41 9.68 -3.88
N ARG B 401 -0.89 9.75 -4.17
CA ARG B 401 -1.36 9.49 -5.54
C ARG B 401 -1.02 10.65 -6.48
N ARG B 402 -0.54 10.30 -7.67
CA ARG B 402 -0.23 11.32 -8.67
C ARG B 402 -0.94 11.13 -10.01
N HIS B 403 -1.46 9.95 -10.32
CA HIS B 403 -2.07 9.74 -11.63
C HIS B 403 -3.49 10.29 -11.67
N ASP B 404 -3.86 10.84 -12.81
CA ASP B 404 -5.17 11.47 -12.99
C ASP B 404 -6.15 10.50 -13.63
N THR B 405 -7.40 10.59 -13.20
CA THR B 405 -8.58 10.06 -13.87
C THR B 405 -9.63 11.17 -13.85
N PRO B 406 -10.64 11.10 -14.71
CA PRO B 406 -11.60 12.22 -14.77
C PRO B 406 -12.27 12.54 -13.44
N ALA B 407 -12.70 11.54 -12.67
CA ALA B 407 -13.38 11.82 -11.40
C ALA B 407 -12.43 12.45 -10.40
N TRP B 408 -11.20 11.93 -10.31
CA TRP B 408 -10.19 12.46 -9.39
C TRP B 408 -9.85 13.91 -9.73
N LEU B 409 -9.74 14.23 -11.01
CA LEU B 409 -9.51 15.61 -11.44
C LEU B 409 -10.70 16.50 -11.14
N ASP B 410 -11.92 15.94 -11.20
CA ASP B 410 -13.13 16.72 -10.99
C ASP B 410 -13.21 17.26 -9.56
N MET B 411 -12.45 16.67 -8.64
CA MET B 411 -12.38 17.12 -7.26
C MET B 411 -11.39 18.27 -7.06
N ARG B 412 -10.52 18.53 -8.03
CA ARG B 412 -9.55 19.60 -7.87
C ARG B 412 -10.25 20.95 -7.89
N LEU B 413 -9.84 21.84 -7.00
CA LEU B 413 -10.39 23.19 -6.96
C LEU B 413 -9.59 24.06 -7.93
N GLN B 414 -10.29 24.68 -8.87
CA GLN B 414 -9.66 25.64 -9.78
CA GLN B 414 -9.66 25.63 -9.78
C GLN B 414 -8.95 26.72 -8.99
N GLY B 415 -7.74 27.07 -9.43
CA GLY B 415 -6.97 28.10 -8.78
C GLY B 415 -7.32 29.48 -9.31
N ALA B 416 -6.69 30.49 -8.71
CA ALA B 416 -6.87 31.86 -9.14
C ALA B 416 -6.31 32.13 -10.52
N ASN B 417 -5.55 31.19 -11.09
CA ASN B 417 -4.95 31.36 -12.41
C ASN B 417 -4.44 29.99 -12.87
N GLU B 418 -3.85 29.98 -14.06
CA GLU B 418 -3.37 28.73 -14.64
C GLU B 418 -2.30 28.09 -13.76
N THR B 419 -1.36 28.91 -13.25
CA THR B 419 -0.26 28.41 -12.44
C THR B 419 -0.77 27.73 -11.18
N GLU B 420 -1.69 28.37 -10.47
CA GLU B 420 -2.20 27.78 -9.23
C GLU B 420 -3.03 26.53 -9.50
N THR B 421 -3.71 26.45 -10.64
CA THR B 421 -4.42 25.21 -10.97
C THR B 421 -3.44 24.06 -11.20
N TYR B 422 -2.32 24.34 -11.88
CA TYR B 422 -1.31 23.30 -12.08
C TYR B 422 -0.71 22.81 -10.77
N LEU B 423 -0.63 23.68 -9.76
CA LEU B 423 -0.13 23.26 -8.45
C LEU B 423 -1.20 22.62 -7.58
N ALA B 424 -2.45 22.64 -8.01
CA ALA B 424 -3.53 22.04 -7.26
C ALA B 424 -3.63 20.56 -7.60
N ARG B 425 -4.19 19.78 -6.70
CA ARG B 425 -4.26 18.36 -7.00
C ARG B 425 -5.69 17.84 -6.89
N GLY B 426 -5.89 16.70 -7.53
CA GLY B 426 -7.15 16.01 -7.47
C GLY B 426 -7.33 15.35 -6.12
N LYS B 427 -8.48 14.71 -5.95
CA LYS B 427 -8.81 14.01 -4.71
CA LYS B 427 -8.79 14.01 -4.71
C LYS B 427 -9.62 12.77 -5.04
N LYS B 428 -9.43 11.72 -4.23
CA LYS B 428 -10.28 10.55 -4.37
C LYS B 428 -11.66 10.86 -3.78
N LEU B 429 -12.71 10.33 -4.40
CA LEU B 429 -14.06 10.54 -3.90
C LEU B 429 -14.30 9.61 -2.70
N VAL B 430 -14.80 10.19 -1.61
CA VAL B 430 -15.07 9.44 -0.39
C VAL B 430 -16.47 9.84 0.03
N VAL B 431 -17.42 8.90 -0.09
CA VAL B 431 -18.83 9.18 0.12
C VAL B 431 -19.27 8.54 1.43
N GLN B 432 -19.82 9.34 2.34
CA GLN B 432 -20.58 8.84 3.48
C GLN B 432 -22.05 8.77 3.10
N MET B 433 -22.60 7.57 3.07
CA MET B 433 -23.98 7.31 2.65
C MET B 433 -24.73 6.74 3.85
N VAL B 434 -25.44 7.60 4.58
CA VAL B 434 -26.02 7.22 5.87
C VAL B 434 -27.43 7.78 5.98
N GLU B 435 -28.30 7.06 6.66
CA GLU B 435 -29.60 7.63 7.03
C GLU B 435 -29.43 8.53 8.23
N THR B 436 -30.30 9.53 8.35
CA THR B 436 -30.11 10.49 9.45
C THR B 436 -30.41 9.87 10.80
N PHE B 437 -31.23 8.83 10.82
CA PHE B 437 -31.50 8.04 12.02
C PHE B 437 -31.29 6.57 11.71
N GLN B 438 -30.93 5.82 12.75
CA GLN B 438 -30.82 4.37 12.62
C GLN B 438 -32.18 3.71 12.82
N GLU B 439 -32.28 2.47 12.37
CA GLU B 439 -33.45 1.68 12.72
C GLU B 439 -33.52 1.54 14.24
N GLY B 440 -34.70 1.84 14.79
CA GLY B 440 -34.92 1.82 16.23
C GLY B 440 -35.06 3.21 16.84
N GLY B 441 -34.46 4.22 16.21
CA GLY B 441 -34.66 5.61 16.62
C GLY B 441 -33.41 6.37 17.03
N LYS B 442 -32.25 5.75 17.16
CA LYS B 442 -31.09 6.51 17.57
C LYS B 442 -30.53 7.33 16.40
N PRO B 443 -30.12 8.58 16.65
CA PRO B 443 -29.66 9.43 15.55
C PRO B 443 -28.30 9.00 15.01
N THR B 444 -28.13 9.16 13.71
CA THR B 444 -26.81 8.98 13.12
C THR B 444 -25.94 10.21 13.36
N PHE B 445 -26.50 11.40 13.18
CA PHE B 445 -25.77 12.64 13.37
C PHE B 445 -25.90 13.08 14.82
N VAL B 446 -24.76 13.33 15.45
CA VAL B 446 -24.71 13.67 16.87
C VAL B 446 -23.75 14.84 17.07
N ASP B 447 -23.97 15.60 18.14
CA ASP B 447 -23.04 16.66 18.48
C ASP B 447 -21.68 16.10 18.87
N ARG B 448 -21.65 14.90 19.44
CA ARG B 448 -20.42 14.32 20.00
C ARG B 448 -20.37 12.82 19.72
N LEU B 449 -19.34 12.38 19.01
CA LEU B 449 -19.13 10.95 18.78
C LEU B 449 -18.96 10.23 20.11
N ASP B 450 -19.65 9.08 20.25
CA ASP B 450 -19.35 8.17 21.36
C ASP B 450 -17.85 7.88 21.42
N ALA B 451 -17.17 7.91 20.27
CA ALA B 451 -15.79 7.46 20.18
C ALA B 451 -14.87 8.24 21.10
N ILE B 452 -15.25 9.48 21.45
CA ILE B 452 -14.36 10.28 22.28
C ILE B 452 -14.25 9.70 23.68
N ASP B 453 -15.39 9.45 24.33
CA ASP B 453 -15.36 8.91 25.68
C ASP B 453 -14.84 7.47 25.70
N VAL B 454 -15.10 6.70 24.64
CA VAL B 454 -14.50 5.36 24.54
C VAL B 454 -12.98 5.45 24.55
N ALA B 455 -12.41 6.40 23.81
CA ALA B 455 -10.96 6.59 23.86
C ALA B 455 -10.49 6.87 25.28
N LYS B 456 -11.22 7.71 26.01
CA LYS B 456 -10.85 8.00 27.39
C LYS B 456 -10.97 6.75 28.25
N THR B 457 -12.00 5.94 28.03
CA THR B 457 -12.23 4.76 28.86
C THR B 457 -11.21 3.66 28.56
N ALA B 458 -10.83 3.51 27.30
CA ALA B 458 -9.92 2.44 26.92
C ALA B 458 -8.46 2.86 26.97
N GLY B 459 -8.16 4.14 27.19
CA GLY B 459 -6.78 4.58 27.20
C GLY B 459 -6.18 4.80 25.82
N LEU B 460 -7.00 5.14 24.83
CA LEU B 460 -6.45 5.44 23.50
C LEU B 460 -6.17 6.94 23.39
N PRO B 461 -5.09 7.35 22.73
CA PRO B 461 -4.82 8.81 22.62
C PRO B 461 -5.73 9.52 21.62
N LEU B 462 -6.32 8.82 20.66
CA LEU B 462 -7.24 9.42 19.69
C LEU B 462 -8.60 8.75 19.79
N ALA B 463 -9.66 9.55 19.66
CA ALA B 463 -10.97 9.00 19.36
C ALA B 463 -10.86 8.09 18.15
N PRO B 464 -11.26 6.82 18.25
CA PRO B 464 -11.18 5.95 17.08
C PRO B 464 -12.16 6.41 16.01
N ILE B 465 -11.63 7.06 14.97
CA ILE B 465 -12.44 7.66 13.92
CA ILE B 465 -12.41 7.69 13.89
C ILE B 465 -12.23 6.86 12.63
N MET B 466 -13.34 6.39 12.06
CA MET B 466 -13.27 5.59 10.83
CA MET B 466 -13.27 5.60 10.84
C MET B 466 -12.93 6.47 9.64
N ILE B 467 -13.65 7.56 9.45
CA ILE B 467 -13.41 8.50 8.37
C ILE B 467 -13.42 9.91 8.98
N TYR B 468 -12.33 10.63 8.82
CA TYR B 468 -12.27 12.03 9.26
C TYR B 468 -13.07 12.90 8.29
N GLY B 469 -13.71 13.94 8.82
CA GLY B 469 -14.61 14.75 8.01
C GLY B 469 -13.90 15.44 6.83
N ASP B 470 -12.63 15.80 7.01
CA ASP B 470 -11.90 16.47 5.93
C ASP B 470 -11.59 15.53 4.76
N ASP B 471 -11.69 14.22 4.96
CA ASP B 471 -11.53 13.26 3.86
C ASP B 471 -12.80 13.04 3.07
N VAL B 472 -13.95 13.51 3.56
CA VAL B 472 -15.23 13.24 2.92
C VAL B 472 -15.45 14.22 1.79
N THR B 473 -15.71 13.72 0.58
CA THR B 473 -16.07 14.60 -0.53
C THR B 473 -17.57 14.74 -0.71
N HIS B 474 -18.36 13.74 -0.28
CA HIS B 474 -19.80 13.72 -0.51
C HIS B 474 -20.48 13.15 0.71
N LEU B 475 -21.46 13.87 1.25
CA LEU B 475 -22.33 13.33 2.29
C LEU B 475 -23.70 13.11 1.68
N LEU B 476 -24.15 11.86 1.70
CA LEU B 476 -25.41 11.45 1.07
C LEU B 476 -26.29 10.85 2.16
N THR B 477 -27.45 11.47 2.38
CA THR B 477 -28.47 10.99 3.31
C THR B 477 -29.79 10.86 2.55
N GLU B 478 -30.82 10.38 3.26
CA GLU B 478 -32.13 10.35 2.62
C GLU B 478 -32.66 11.75 2.32
N GLU B 479 -32.02 12.80 2.87
CA GLU B 479 -32.43 14.17 2.60
C GLU B 479 -31.75 14.78 1.39
N GLY B 480 -30.62 14.24 0.96
CA GLY B 480 -29.98 14.70 -0.25
C GLY B 480 -28.47 14.50 -0.16
N ILE B 481 -27.75 15.26 -0.98
CA ILE B 481 -26.29 15.21 -1.05
C ILE B 481 -25.69 16.58 -0.73
N ALA B 482 -24.69 16.60 0.15
CA ALA B 482 -23.86 17.79 0.34
C ALA B 482 -22.54 17.56 -0.39
N TYR B 483 -22.22 18.43 -1.35
CA TYR B 483 -20.99 18.29 -2.14
C TYR B 483 -19.82 18.94 -1.40
N LEU B 484 -19.37 18.25 -0.35
CA LEU B 484 -18.42 18.86 0.59
C LEU B 484 -17.07 19.19 -0.05
N TYR B 485 -16.69 18.48 -1.12
CA TYR B 485 -15.41 18.77 -1.79
C TYR B 485 -15.35 20.19 -2.32
N LYS B 486 -16.50 20.81 -2.54
CA LYS B 486 -16.61 22.18 -3.02
C LYS B 486 -16.76 23.22 -1.92
N ALA B 487 -16.76 22.81 -0.66
CA ALA B 487 -16.99 23.77 0.43
C ALA B 487 -15.86 24.80 0.48
N SER B 488 -16.25 26.08 0.61
CA SER B 488 -15.29 27.18 0.65
C SER B 488 -14.57 27.29 1.98
N SER B 489 -15.13 26.75 3.06
CA SER B 489 -14.54 26.90 4.38
C SER B 489 -15.13 25.84 5.31
N GLN B 490 -14.51 25.70 6.48
CA GLN B 490 -15.03 24.75 7.47
C GLN B 490 -16.43 25.14 7.91
N GLU B 491 -16.72 26.43 7.95
CA GLU B 491 -18.07 26.88 8.32
C GLU B 491 -19.08 26.50 7.25
N GLU B 492 -18.72 26.66 5.97
CA GLU B 492 -19.62 26.22 4.93
C GLU B 492 -19.78 24.71 4.93
N ARG B 493 -18.70 23.95 5.19
CA ARG B 493 -18.84 22.50 5.30
CA ARG B 493 -18.84 22.50 5.30
C ARG B 493 -19.88 22.12 6.33
N GLN B 494 -19.86 22.77 7.50
CA GLN B 494 -20.79 22.44 8.57
C GLN B 494 -22.23 22.80 8.20
N ALA B 495 -22.44 23.92 7.51
CA ALA B 495 -23.78 24.28 7.04
C ALA B 495 -24.28 23.30 5.98
N MET B 496 -23.38 22.79 5.13
CA MET B 496 -23.77 21.78 4.16
C MET B 496 -24.11 20.46 4.82
N ILE B 497 -23.36 20.07 5.84
CA ILE B 497 -23.72 18.86 6.59
C ILE B 497 -25.09 19.04 7.24
N ALA B 498 -25.29 20.17 7.92
CA ALA B 498 -26.57 20.41 8.59
C ALA B 498 -27.73 20.38 7.61
N ALA B 499 -27.51 20.84 6.37
CA ALA B 499 -28.58 20.91 5.39
C ALA B 499 -29.17 19.54 5.06
N VAL B 500 -28.39 18.46 5.21
CA VAL B 500 -28.87 17.14 4.86
C VAL B 500 -28.98 16.21 6.07
N ALA B 501 -28.86 16.75 7.28
CA ALA B 501 -28.87 15.95 8.50
C ALA B 501 -30.26 15.79 9.12
N GLY B 502 -31.31 16.27 8.45
CA GLY B 502 -32.65 15.99 8.90
C GLY B 502 -33.01 16.75 10.16
N VAL B 503 -33.67 16.06 11.08
CA VAL B 503 -34.08 16.64 12.36
C VAL B 503 -33.24 16.09 13.51
N THR B 504 -32.06 15.55 13.20
CA THR B 504 -31.07 15.30 14.23
C THR B 504 -30.61 16.62 14.86
N SER B 505 -29.86 16.52 15.95
CA SER B 505 -29.31 17.72 16.58
C SER B 505 -28.49 18.53 15.58
N ILE B 506 -27.70 17.86 14.73
CA ILE B 506 -26.93 18.55 13.71
C ILE B 506 -27.87 19.21 12.69
N GLY B 507 -28.89 18.49 12.25
CA GLY B 507 -29.82 19.05 11.28
C GLY B 507 -30.62 20.21 11.81
N LEU B 508 -30.94 20.20 13.11
CA LEU B 508 -31.72 21.30 13.67
C LEU B 508 -30.92 22.60 13.72
N THR B 509 -29.60 22.55 13.55
CA THR B 509 -28.82 23.77 13.53
C THR B 509 -28.89 24.52 12.20
N GLN B 510 -29.45 23.93 11.16
CA GLN B 510 -29.34 24.54 9.84
C GLN B 510 -30.15 25.84 9.78
N ASP B 511 -29.53 26.85 9.19
CA ASP B 511 -30.19 28.13 8.92
C ASP B 511 -30.95 28.01 7.61
N PRO B 512 -32.28 28.20 7.60
CA PRO B 512 -33.02 28.01 6.35
C PRO B 512 -32.56 28.92 5.20
N LYS B 513 -32.13 30.15 5.48
CA LYS B 513 -31.64 30.99 4.39
C LYS B 513 -30.34 30.45 3.82
N THR B 514 -29.50 29.85 4.66
CA THR B 514 -28.26 29.26 4.17
C THR B 514 -28.54 28.00 3.36
N THR B 515 -29.40 27.13 3.89
CA THR B 515 -29.76 25.92 3.14
C THR B 515 -30.35 26.28 1.79
N ALA B 516 -31.23 27.28 1.75
CA ALA B 516 -31.80 27.73 0.49
C ALA B 516 -30.71 28.20 -0.46
N ARG B 517 -29.73 28.94 0.04
CA ARG B 517 -28.65 29.41 -0.82
C ARG B 517 -27.83 28.23 -1.34
N LEU B 518 -27.47 27.31 -0.45
CA LEU B 518 -26.66 26.16 -0.87
C LEU B 518 -27.37 25.34 -1.94
N ARG B 519 -28.69 25.18 -1.84
CA ARG B 519 -29.41 24.46 -2.89
C ARG B 519 -29.41 25.25 -4.19
N ARG B 520 -29.65 26.56 -4.12
CA ARG B 520 -29.65 27.38 -5.33
C ARG B 520 -28.28 27.38 -5.98
N GLU B 521 -27.21 27.36 -5.19
CA GLU B 521 -25.87 27.34 -5.77
C GLU B 521 -25.42 25.93 -6.17
N GLY B 522 -26.24 24.91 -5.98
CA GLY B 522 -25.84 23.56 -6.36
C GLY B 522 -24.91 22.86 -5.39
N LEU B 523 -24.61 23.46 -4.23
CA LEU B 523 -23.73 22.81 -3.26
C LEU B 523 -24.45 21.71 -2.47
N VAL B 524 -25.76 21.82 -2.34
CA VAL B 524 -26.59 20.80 -1.70
C VAL B 524 -27.69 20.44 -2.68
N VAL B 525 -27.98 19.15 -2.83
CA VAL B 525 -29.08 18.73 -3.69
C VAL B 525 -30.04 17.85 -2.89
N PHE B 526 -31.29 18.27 -2.83
CA PHE B 526 -32.35 17.39 -2.36
C PHE B 526 -32.81 16.50 -3.52
N PRO B 527 -33.56 15.42 -3.23
CA PRO B 527 -34.06 14.58 -4.35
C PRO B 527 -34.76 15.36 -5.45
N GLU B 528 -35.57 16.36 -5.10
CA GLU B 528 -36.23 17.17 -6.13
C GLU B 528 -35.22 17.89 -7.01
N ASP B 529 -34.11 18.36 -6.42
CA ASP B 529 -33.10 19.05 -7.22
C ASP B 529 -32.43 18.14 -8.23
N LEU B 530 -32.47 16.82 -8.02
CA LEU B 530 -31.94 15.86 -8.98
C LEU B 530 -33.01 15.27 -9.87
N GLY B 531 -34.26 15.66 -9.68
CA GLY B 531 -35.34 15.10 -10.48
C GLY B 531 -35.71 13.68 -10.07
N ILE B 532 -35.63 13.38 -8.77
CA ILE B 532 -35.95 12.07 -8.24
C ILE B 532 -37.12 12.22 -7.27
N ARG B 533 -38.21 11.51 -7.53
CA ARG B 533 -39.37 11.50 -6.65
C ARG B 533 -39.28 10.32 -5.69
N ARG B 534 -39.48 10.60 -4.40
CA ARG B 534 -39.33 9.56 -3.39
C ARG B 534 -40.32 8.40 -3.58
N THR B 535 -41.46 8.64 -4.24
CA THR B 535 -42.40 7.56 -4.51
C THR B 535 -42.00 6.67 -5.69
N ASP B 536 -41.01 7.07 -6.49
CA ASP B 536 -40.43 6.18 -7.51
C ASP B 536 -39.34 5.29 -6.96
N ALA B 537 -38.95 5.48 -5.70
CA ALA B 537 -37.82 4.77 -5.12
C ALA B 537 -38.36 3.64 -4.26
N THR B 538 -38.77 2.56 -4.92
CA THR B 538 -39.30 1.40 -4.22
C THR B 538 -38.52 0.16 -4.60
N ARG B 539 -38.83 -0.94 -3.90
CA ARG B 539 -38.18 -2.21 -4.16
C ARG B 539 -38.42 -2.71 -5.58
N GLU B 540 -39.40 -2.15 -6.29
CA GLU B 540 -39.66 -2.56 -7.67
C GLU B 540 -38.51 -2.21 -8.61
N LEU B 541 -37.64 -1.27 -8.23
CA LEU B 541 -36.51 -0.93 -9.07
C LEU B 541 -35.37 -1.93 -8.98
N LEU B 542 -35.32 -2.73 -7.91
CA LEU B 542 -34.26 -3.72 -7.74
C LEU B 542 -34.28 -4.73 -8.88
N ALA B 543 -33.08 -5.10 -9.35
CA ALA B 543 -33.00 -6.11 -10.40
C ALA B 543 -33.32 -7.50 -9.85
N ALA B 544 -33.03 -7.72 -8.57
CA ALA B 544 -33.41 -8.94 -7.87
C ALA B 544 -34.05 -8.51 -6.55
N LYS B 545 -35.19 -9.10 -6.24
CA LYS B 545 -35.91 -8.75 -5.02
C LYS B 545 -35.58 -9.66 -3.84
N ASN B 546 -34.95 -10.80 -4.09
CA ASN B 546 -34.72 -11.78 -3.04
C ASN B 546 -33.61 -12.72 -3.49
N ILE B 547 -33.32 -13.71 -2.67
CA ILE B 547 -32.23 -14.64 -3.00
C ILE B 547 -32.58 -15.46 -4.23
N ALA B 548 -33.83 -15.94 -4.31
CA ALA B 548 -34.21 -16.77 -5.45
C ALA B 548 -33.96 -16.05 -6.77
N ASP B 549 -34.22 -14.74 -6.82
CA ASP B 549 -33.95 -13.97 -8.04
C ASP B 549 -32.46 -13.94 -8.36
N LEU B 550 -31.61 -13.83 -7.32
CA LEU B 550 -30.17 -13.89 -7.56
C LEU B 550 -29.77 -15.23 -8.17
N VAL B 551 -30.36 -16.32 -7.69
CA VAL B 551 -30.05 -17.64 -8.24
C VAL B 551 -30.42 -17.69 -9.72
N THR B 552 -31.61 -17.20 -10.06
CA THR B 552 -32.04 -17.17 -11.44
C THR B 552 -31.10 -16.33 -12.31
N TRP B 553 -30.80 -15.11 -11.86
CA TRP B 553 -29.85 -14.24 -12.56
C TRP B 553 -28.52 -14.96 -12.79
N SER B 554 -28.08 -15.75 -11.83
CA SER B 554 -26.81 -16.46 -11.92
C SER B 554 -26.88 -17.71 -12.77
N ASP B 555 -28.00 -17.99 -13.44
CA ASP B 555 -28.14 -19.20 -14.24
C ASP B 555 -27.93 -20.45 -13.37
N GLY B 556 -28.35 -20.38 -12.10
CA GLY B 556 -28.22 -21.49 -11.20
C GLY B 556 -26.85 -21.70 -10.61
N LEU B 557 -25.87 -20.86 -10.96
CA LEU B 557 -24.51 -21.07 -10.47
C LEU B 557 -24.33 -20.61 -9.03
N TYR B 558 -25.04 -19.56 -8.61
CA TYR B 558 -24.99 -19.13 -7.21
C TYR B 558 -25.76 -20.12 -6.35
N GLN B 559 -25.11 -20.60 -5.28
CA GLN B 559 -25.68 -21.61 -4.39
C GLN B 559 -25.75 -21.03 -2.98
N PRO B 560 -26.86 -20.38 -2.62
CA PRO B 560 -26.91 -19.71 -1.32
C PRO B 560 -26.84 -20.70 -0.19
N PRO B 561 -26.27 -20.32 0.97
CA PRO B 561 -26.11 -21.21 2.12
C PRO B 561 -27.39 -21.40 2.93
#